data_2KHU
#
_entry.id   2KHU
#
_entity_poly.entity_id   1
_entity_poly.type   'polypeptide(L)'
_entity_poly.pdbx_seq_one_letter_code
;MQYKLILNGKTLKGETTTEAVDAATAEKVFKQYANDNGVDGEWTYDDATKTFTVTEGSDEKITFPSDIDPQVFYELPEAV
QKELLAEWKRTGSDFHIGHKLEHHHHHH
;
_entity_poly.pdbx_strand_id   A
#
# COMPACT_ATOMS: atom_id res chain seq x y z
N LYS A 61 -1.64 -9.36 -8.35
CA LYS A 61 -0.23 -8.88 -8.29
C LYS A 61 -0.18 -7.58 -7.49
N ILE A 62 0.58 -7.56 -6.41
CA ILE A 62 0.66 -6.31 -5.59
C ILE A 62 2.00 -5.61 -5.85
N THR A 63 1.98 -4.31 -5.94
CA THR A 63 3.23 -3.55 -6.19
C THR A 63 3.40 -2.51 -5.08
N PHE A 64 4.46 -2.62 -4.32
CA PHE A 64 4.68 -1.65 -3.21
C PHE A 64 5.67 -0.57 -3.66
N PRO A 65 5.38 0.70 -3.42
CA PRO A 65 6.30 1.80 -3.79
C PRO A 65 7.75 1.51 -3.38
N SER A 66 8.68 2.17 -3.98
CA SER A 66 10.11 1.93 -3.63
C SER A 66 10.41 2.44 -2.22
N ASP A 67 9.44 3.02 -1.55
CA ASP A 67 9.69 3.53 -0.17
C ASP A 67 8.71 2.89 0.82
N ILE A 68 8.00 1.87 0.41
CA ILE A 68 7.03 1.20 1.34
C ILE A 68 7.48 -0.24 1.62
N ASP A 69 7.58 -0.57 2.87
CA ASP A 69 8.01 -1.95 3.25
C ASP A 69 6.74 -2.82 3.39
N PRO A 70 6.77 -4.04 2.90
CA PRO A 70 5.58 -4.96 2.98
C PRO A 70 5.24 -5.37 4.41
N GLN A 71 6.22 -5.60 5.23
CA GLN A 71 5.93 -6.01 6.64
C GLN A 71 5.43 -4.81 7.44
N VAL A 72 5.91 -3.63 7.15
CA VAL A 72 5.43 -2.43 7.91
C VAL A 72 4.11 -1.96 7.28
N PHE A 73 3.88 -2.31 6.05
CA PHE A 73 2.62 -1.89 5.37
C PHE A 73 1.44 -2.74 5.87
N TYR A 74 1.55 -4.03 5.77
CA TYR A 74 0.42 -4.90 6.23
C TYR A 74 0.17 -4.65 7.72
N GLU A 75 1.08 -4.03 8.40
CA GLU A 75 0.87 -3.75 9.85
C GLU A 75 -0.05 -2.54 10.00
N LEU A 76 -0.43 -1.93 8.91
CA LEU A 76 -1.31 -0.74 8.98
C LEU A 76 -2.78 -1.18 8.92
N PRO A 77 -3.68 -0.43 9.52
CA PRO A 77 -5.14 -0.76 9.49
C PRO A 77 -5.64 -0.96 8.05
N GLU A 78 -6.73 -1.66 7.89
CA GLU A 78 -7.28 -1.89 6.52
C GLU A 78 -7.66 -0.55 5.88
N ALA A 79 -8.41 0.26 6.57
CA ALA A 79 -8.82 1.58 5.98
C ALA A 79 -7.57 2.30 5.45
N VAL A 80 -6.46 2.13 6.10
CA VAL A 80 -5.21 2.78 5.64
C VAL A 80 -4.65 1.97 4.46
N GLN A 81 -4.80 0.68 4.53
CA GLN A 81 -4.31 -0.20 3.43
C GLN A 81 -5.08 0.13 2.13
N LYS A 82 -6.38 0.15 2.21
CA LYS A 82 -7.18 0.45 0.99
C LYS A 82 -6.85 1.84 0.46
N GLU A 83 -6.84 2.84 1.29
CA GLU A 83 -6.52 4.21 0.81
C GLU A 83 -5.13 4.23 0.19
N LEU A 84 -4.19 3.52 0.77
CA LEU A 84 -2.82 3.50 0.19
C LEU A 84 -2.81 2.66 -1.09
N LEU A 85 -3.56 1.59 -1.13
CA LEU A 85 -3.59 0.76 -2.36
C LEU A 85 -4.32 1.55 -3.46
N ALA A 86 -5.35 2.26 -3.10
CA ALA A 86 -6.11 3.05 -4.11
C ALA A 86 -5.17 4.12 -4.67
N GLU A 87 -4.28 4.63 -3.86
CA GLU A 87 -3.33 5.66 -4.36
C GLU A 87 -2.27 4.96 -5.23
N TRP A 88 -1.92 3.75 -4.88
CA TRP A 88 -0.92 3.01 -5.71
C TRP A 88 -1.56 2.67 -7.05
N LYS A 89 -2.84 2.43 -7.04
CA LYS A 89 -3.56 2.09 -8.30
C LYS A 89 -3.68 3.34 -9.17
N ARG A 90 -3.90 4.48 -8.58
CA ARG A 90 -4.02 5.72 -9.40
C ARG A 90 -2.69 5.95 -10.13
N THR A 91 -1.59 5.81 -9.43
CA THR A 91 -0.27 6.00 -10.08
C THR A 91 0.13 4.70 -10.77
N GLY A 92 -0.11 3.59 -10.12
CA GLY A 92 0.24 2.27 -10.73
C GLY A 92 1.43 1.67 -9.99
N LYS A 61 -1.08 -9.62 -8.01
CA LYS A 61 0.26 -8.99 -8.04
C LYS A 61 0.21 -7.64 -7.32
N ILE A 62 0.89 -7.52 -6.21
CA ILE A 62 0.88 -6.23 -5.47
C ILE A 62 2.19 -5.49 -5.70
N THR A 63 2.12 -4.21 -5.92
CA THR A 63 3.36 -3.42 -6.16
C THR A 63 3.52 -2.39 -5.03
N PHE A 64 4.56 -2.50 -4.26
CA PHE A 64 4.78 -1.54 -3.15
C PHE A 64 5.81 -0.48 -3.57
N PRO A 65 5.56 0.79 -3.31
CA PRO A 65 6.53 1.87 -3.67
C PRO A 65 7.97 1.53 -3.27
N SER A 66 8.92 2.11 -3.93
CA SER A 66 10.35 1.86 -3.61
C SER A 66 10.66 2.32 -2.18
N ASP A 67 9.70 2.89 -1.50
CA ASP A 67 9.98 3.38 -0.11
C ASP A 67 8.99 2.74 0.88
N ILE A 68 8.26 1.73 0.48
CA ILE A 68 7.28 1.10 1.43
C ILE A 68 7.67 -0.35 1.70
N ASP A 69 7.73 -0.72 2.95
CA ASP A 69 8.08 -2.12 3.32
C ASP A 69 6.79 -2.94 3.41
N PRO A 70 6.78 -4.16 2.91
CA PRO A 70 5.57 -5.03 2.95
C PRO A 70 5.18 -5.44 4.38
N GLN A 71 6.14 -5.68 5.22
CA GLN A 71 5.82 -6.08 6.63
C GLN A 71 5.36 -4.86 7.42
N VAL A 72 5.85 -3.70 7.09
CA VAL A 72 5.41 -2.47 7.83
C VAL A 72 4.09 -1.99 7.22
N PHE A 73 3.84 -2.35 6.00
CA PHE A 73 2.58 -1.93 5.32
C PHE A 73 1.40 -2.78 5.84
N TYR A 74 1.49 -4.06 5.73
CA TYR A 74 0.38 -4.93 6.22
C TYR A 74 0.17 -4.67 7.70
N GLU A 75 1.11 -4.04 8.35
CA GLU A 75 0.96 -3.74 9.80
C GLU A 75 0.03 -2.53 9.96
N LEU A 76 -0.37 -1.94 8.86
CA LEU A 76 -1.26 -0.75 8.95
C LEU A 76 -2.73 -1.21 8.90
N PRO A 77 -3.63 -0.46 9.49
CA PRO A 77 -5.08 -0.79 9.48
C PRO A 77 -5.59 -1.01 8.05
N GLU A 78 -6.68 -1.72 7.90
CA GLU A 78 -7.23 -1.97 6.54
C GLU A 78 -7.68 -0.64 5.90
N ALA A 79 -8.41 0.17 6.61
CA ALA A 79 -8.86 1.46 6.02
C ALA A 79 -7.65 2.22 5.46
N VAL A 80 -6.54 2.12 6.11
CA VAL A 80 -5.32 2.82 5.61
C VAL A 80 -4.76 2.02 4.44
N GLN A 81 -4.87 0.72 4.49
CA GLN A 81 -4.37 -0.13 3.39
C GLN A 81 -5.15 0.20 2.11
N LYS A 82 -6.45 0.28 2.20
CA LYS A 82 -7.28 0.58 0.99
C LYS A 82 -6.95 1.97 0.45
N GLU A 83 -6.94 2.98 1.29
CA GLU A 83 -6.65 4.35 0.79
C GLU A 83 -5.25 4.38 0.17
N LEU A 84 -4.29 3.74 0.77
CA LEU A 84 -2.93 3.74 0.19
C LEU A 84 -2.91 2.90 -1.09
N LEU A 85 -3.62 1.81 -1.11
CA LEU A 85 -3.64 0.97 -2.34
C LEU A 85 -4.41 1.72 -3.43
N ALA A 86 -5.44 2.42 -3.07
CA ALA A 86 -6.23 3.19 -4.09
C ALA A 86 -5.31 4.23 -4.73
N GLU A 87 -4.38 4.75 -3.97
CA GLU A 87 -3.45 5.76 -4.54
C GLU A 87 -2.42 5.05 -5.42
N TRP A 88 -2.00 3.88 -5.03
CA TRP A 88 -1.01 3.13 -5.86
C TRP A 88 -1.67 2.71 -7.17
N LYS A 89 -2.90 2.27 -7.10
CA LYS A 89 -3.63 1.83 -8.32
C LYS A 89 -3.94 3.05 -9.20
N ARG A 90 -4.23 4.17 -8.60
CA ARG A 90 -4.56 5.38 -9.42
C ARG A 90 -3.36 5.79 -10.27
N THR A 91 -2.18 5.82 -9.70
CA THR A 91 -0.98 6.22 -10.50
C THR A 91 -0.13 4.99 -10.83
N GLY A 92 0.04 4.09 -9.90
CA GLY A 92 0.86 2.88 -10.17
C GLY A 92 2.20 3.00 -9.45
N LYS A 61 -1.58 -9.50 -8.29
CA LYS A 61 -0.20 -8.94 -8.26
C LYS A 61 -0.18 -7.63 -7.48
N ILE A 62 0.56 -7.56 -6.40
CA ILE A 62 0.60 -6.30 -5.60
C ILE A 62 1.94 -5.59 -5.83
N THR A 63 1.93 -4.29 -5.87
CA THR A 63 3.18 -3.53 -6.09
C THR A 63 3.35 -2.50 -4.97
N PHE A 64 4.42 -2.61 -4.22
CA PHE A 64 4.64 -1.64 -3.10
C PHE A 64 5.66 -0.58 -3.55
N PRO A 65 5.41 0.69 -3.32
CA PRO A 65 6.36 1.77 -3.70
C PRO A 65 7.81 1.46 -3.29
N SER A 66 8.75 2.10 -3.91
CA SER A 66 10.18 1.86 -3.58
C SER A 66 10.49 2.39 -2.17
N ASP A 67 9.54 3.01 -1.53
CA ASP A 67 9.80 3.56 -0.16
C ASP A 67 8.84 2.92 0.85
N ILE A 68 8.10 1.92 0.46
CA ILE A 68 7.15 1.27 1.40
C ILE A 68 7.57 -0.17 1.69
N ASP A 69 7.67 -0.52 2.94
CA ASP A 69 8.07 -1.91 3.30
C ASP A 69 6.81 -2.78 3.42
N PRO A 70 6.83 -3.99 2.90
CA PRO A 70 5.63 -4.90 2.96
C PRO A 70 5.31 -5.35 4.38
N GLN A 71 6.31 -5.57 5.19
CA GLN A 71 6.05 -6.02 6.59
C GLN A 71 5.49 -4.84 7.40
N VAL A 72 5.90 -3.64 7.11
CA VAL A 72 5.37 -2.47 7.86
C VAL A 72 4.05 -2.03 7.24
N PHE A 73 3.82 -2.37 6.00
CA PHE A 73 2.55 -1.98 5.31
C PHE A 73 1.38 -2.83 5.84
N TYR A 74 1.50 -4.13 5.72
CA TYR A 74 0.38 -5.00 6.19
C TYR A 74 0.13 -4.76 7.68
N GLU A 75 1.04 -4.13 8.36
CA GLU A 75 0.83 -3.86 9.82
C GLU A 75 -0.07 -2.63 9.98
N LEU A 76 -0.43 -2.00 8.90
CA LEU A 76 -1.30 -0.79 8.99
C LEU A 76 -2.78 -1.21 8.89
N PRO A 77 -3.68 -0.44 9.47
CA PRO A 77 -5.14 -0.75 9.41
C PRO A 77 -5.63 -0.96 7.98
N GLU A 78 -6.73 -1.65 7.82
CA GLU A 78 -7.28 -1.88 6.46
C GLU A 78 -7.68 -0.54 5.81
N ALA A 79 -8.42 0.27 6.51
CA ALA A 79 -8.85 1.57 5.93
C ALA A 79 -7.62 2.31 5.38
N VAL A 80 -6.50 2.18 6.05
CA VAL A 80 -5.27 2.85 5.56
C VAL A 80 -4.69 2.04 4.41
N GLN A 81 -4.80 0.74 4.50
CA GLN A 81 -4.28 -0.13 3.41
C GLN A 81 -5.03 0.17 2.11
N LYS A 82 -6.33 0.26 2.19
CA LYS A 82 -7.14 0.55 0.97
C LYS A 82 -6.81 1.93 0.43
N GLU A 83 -6.82 2.93 1.27
CA GLU A 83 -6.52 4.31 0.78
C GLU A 83 -5.13 4.35 0.14
N LEU A 84 -4.17 3.68 0.72
CA LEU A 84 -2.81 3.68 0.14
C LEU A 84 -2.79 2.78 -1.10
N LEU A 85 -3.49 1.68 -1.07
CA LEU A 85 -3.52 0.79 -2.25
C LEU A 85 -4.24 1.51 -3.39
N ALA A 86 -5.28 2.24 -3.08
CA ALA A 86 -6.02 2.98 -4.13
C ALA A 86 -5.11 4.07 -4.70
N GLU A 87 -4.23 4.59 -3.89
CA GLU A 87 -3.30 5.64 -4.38
C GLU A 87 -2.26 4.99 -5.30
N TRP A 88 -1.81 3.81 -4.95
CA TRP A 88 -0.82 3.11 -5.81
C TRP A 88 -1.51 2.70 -7.12
N LYS A 89 -2.77 2.39 -7.03
CA LYS A 89 -3.52 1.97 -8.26
C LYS A 89 -3.88 3.20 -9.09
N ARG A 90 -4.20 4.29 -8.47
CA ARG A 90 -4.58 5.50 -9.23
C ARG A 90 -3.39 5.92 -10.11
N THR A 91 -2.21 5.91 -9.57
CA THR A 91 -1.02 6.30 -10.39
C THR A 91 -0.33 5.04 -10.91
N GLY A 92 -0.23 4.03 -10.10
CA GLY A 92 0.43 2.77 -10.55
C GLY A 92 1.87 2.71 -10.01
N LYS A 61 -1.51 -9.45 -8.22
CA LYS A 61 -0.12 -8.91 -8.23
C LYS A 61 -0.09 -7.58 -7.47
N ILE A 62 0.67 -7.51 -6.40
CA ILE A 62 0.71 -6.24 -5.62
C ILE A 62 2.05 -5.53 -5.85
N THR A 63 2.02 -4.23 -5.96
CA THR A 63 3.28 -3.46 -6.18
C THR A 63 3.42 -2.43 -5.04
N PHE A 64 4.46 -2.54 -4.27
CA PHE A 64 4.64 -1.58 -3.15
C PHE A 64 5.64 -0.49 -3.57
N PRO A 65 5.35 0.77 -3.29
CA PRO A 65 6.27 1.89 -3.64
C PRO A 65 7.72 1.61 -3.25
N SER A 66 8.64 2.25 -3.90
CA SER A 66 10.09 2.04 -3.57
C SER A 66 10.38 2.52 -2.15
N ASP A 67 9.40 3.05 -1.46
CA ASP A 67 9.66 3.55 -0.08
C ASP A 67 8.71 2.88 0.91
N ILE A 68 8.03 1.84 0.51
CA ILE A 68 7.08 1.15 1.45
C ILE A 68 7.51 -0.29 1.70
N ASP A 69 7.61 -0.67 2.94
CA ASP A 69 8.00 -2.07 3.27
C ASP A 69 6.74 -2.93 3.40
N PRO A 70 6.73 -4.13 2.87
CA PRO A 70 5.53 -5.02 2.93
C PRO A 70 5.17 -5.42 4.37
N GLN A 71 6.15 -5.65 5.20
CA GLN A 71 5.86 -6.03 6.60
C GLN A 71 5.36 -4.80 7.38
N VAL A 72 5.83 -3.64 7.03
CA VAL A 72 5.36 -2.42 7.74
C VAL A 72 4.01 -1.99 7.15
N PHE A 73 3.76 -2.37 5.93
CA PHE A 73 2.47 -2.00 5.28
C PHE A 73 1.33 -2.87 5.81
N TYR A 74 1.47 -4.16 5.73
CA TYR A 74 0.38 -5.05 6.23
C TYR A 74 0.13 -4.78 7.71
N GLU A 75 1.05 -4.14 8.38
CA GLU A 75 0.85 -3.85 9.82
C GLU A 75 -0.02 -2.58 9.97
N LEU A 76 -0.36 -1.96 8.88
CA LEU A 76 -1.20 -0.72 8.97
C LEU A 76 -2.69 -1.11 8.94
N PRO A 77 -3.55 -0.30 9.52
CA PRO A 77 -5.01 -0.58 9.52
C PRO A 77 -5.54 -0.82 8.09
N GLU A 78 -6.64 -1.50 7.97
CA GLU A 78 -7.22 -1.77 6.62
C GLU A 78 -7.58 -0.45 5.94
N ALA A 79 -8.30 0.41 6.61
CA ALA A 79 -8.69 1.70 5.98
C ALA A 79 -7.44 2.40 5.43
N VAL A 80 -6.32 2.24 6.08
CA VAL A 80 -5.07 2.88 5.57
C VAL A 80 -4.52 2.03 4.43
N GLN A 81 -4.66 0.74 4.53
CA GLN A 81 -4.17 -0.16 3.46
C GLN A 81 -4.95 0.09 2.17
N LYS A 82 -6.26 0.05 2.25
CA LYS A 82 -7.09 0.27 1.04
C LYS A 82 -6.84 1.68 0.47
N GLU A 83 -6.91 2.69 1.29
CA GLU A 83 -6.69 4.07 0.78
C GLU A 83 -5.31 4.17 0.14
N LEU A 84 -4.31 3.56 0.71
CA LEU A 84 -2.96 3.63 0.11
C LEU A 84 -2.92 2.75 -1.14
N LEU A 85 -3.60 1.63 -1.12
CA LEU A 85 -3.61 0.77 -2.33
C LEU A 85 -4.35 1.50 -3.45
N ALA A 86 -5.39 2.22 -3.11
CA ALA A 86 -6.15 2.98 -4.15
C ALA A 86 -5.23 4.04 -4.74
N GLU A 87 -4.34 4.59 -3.94
CA GLU A 87 -3.41 5.62 -4.46
C GLU A 87 -2.35 4.92 -5.31
N TRP A 88 -1.90 3.77 -4.90
CA TRP A 88 -0.89 3.03 -5.71
C TRP A 88 -1.52 2.66 -7.04
N LYS A 89 -2.80 2.42 -7.04
CA LYS A 89 -3.50 2.04 -8.30
C LYS A 89 -3.68 3.27 -9.20
N ARG A 90 -3.91 4.42 -8.62
CA ARG A 90 -4.08 5.63 -9.47
C ARG A 90 -2.78 5.89 -10.23
N THR A 91 -1.66 5.77 -9.57
CA THR A 91 -0.36 5.99 -10.26
C THR A 91 0.16 4.65 -10.77
N GLY A 92 0.02 3.63 -9.99
CA GLY A 92 0.50 2.28 -10.42
C GLY A 92 1.72 1.88 -9.59
N LYS A 61 -1.50 -9.61 -7.74
CA LYS A 61 -0.11 -9.07 -7.79
C LYS A 61 -0.08 -7.71 -7.08
N ILE A 62 0.66 -7.59 -6.01
CA ILE A 62 0.71 -6.29 -5.28
C ILE A 62 2.04 -5.59 -5.55
N THR A 63 2.02 -4.29 -5.64
CA THR A 63 3.27 -3.53 -5.89
C THR A 63 3.43 -2.45 -4.82
N PHE A 64 4.48 -2.54 -4.05
CA PHE A 64 4.70 -1.52 -2.98
C PHE A 64 5.73 -0.48 -3.47
N PRO A 65 5.49 0.79 -3.23
CA PRO A 65 6.44 1.86 -3.65
C PRO A 65 7.89 1.53 -3.29
N SER A 66 8.83 2.10 -3.99
CA SER A 66 10.27 1.85 -3.69
C SER A 66 10.59 2.33 -2.28
N ASP A 67 9.64 2.89 -1.59
CA ASP A 67 9.92 3.39 -0.20
C ASP A 67 8.97 2.74 0.82
N ILE A 68 8.27 1.69 0.44
CA ILE A 68 7.34 1.03 1.41
C ILE A 68 7.77 -0.41 1.68
N ASP A 69 7.86 -0.75 2.94
CA ASP A 69 8.24 -2.15 3.31
C ASP A 69 6.95 -2.98 3.41
N PRO A 70 6.93 -4.20 2.91
CA PRO A 70 5.71 -5.06 2.94
C PRO A 70 5.29 -5.43 4.37
N GLN A 71 6.22 -5.64 5.26
CA GLN A 71 5.86 -6.00 6.66
C GLN A 71 5.38 -4.75 7.40
N VAL A 72 5.86 -3.60 7.03
CA VAL A 72 5.41 -2.36 7.72
C VAL A 72 4.06 -1.92 7.11
N PHE A 73 3.79 -2.34 5.91
CA PHE A 73 2.51 -1.95 5.25
C PHE A 73 1.36 -2.78 5.81
N TYR A 74 1.48 -4.09 5.75
CA TYR A 74 0.37 -4.95 6.28
C TYR A 74 0.18 -4.63 7.76
N GLU A 75 1.14 -4.02 8.38
CA GLU A 75 1.00 -3.67 9.82
C GLU A 75 0.07 -2.46 9.95
N LEU A 76 -0.33 -1.90 8.85
CA LEU A 76 -1.22 -0.70 8.90
C LEU A 76 -2.68 -1.15 8.88
N PRO A 77 -3.59 -0.40 9.48
CA PRO A 77 -5.02 -0.75 9.49
C PRO A 77 -5.56 -1.00 8.08
N GLU A 78 -6.64 -1.72 7.96
CA GLU A 78 -7.20 -2.00 6.61
C GLU A 78 -7.65 -0.70 5.94
N ALA A 79 -8.40 0.11 6.64
CA ALA A 79 -8.86 1.39 6.02
C ALA A 79 -7.65 2.14 5.45
N VAL A 80 -6.52 2.02 6.08
CA VAL A 80 -5.30 2.70 5.57
C VAL A 80 -4.76 1.90 4.38
N GLN A 81 -4.89 0.60 4.45
CA GLN A 81 -4.41 -0.25 3.34
C GLN A 81 -5.19 0.05 2.06
N LYS A 82 -6.50 0.13 2.16
CA LYS A 82 -7.33 0.42 0.97
C LYS A 82 -7.03 1.81 0.42
N GLU A 83 -7.02 2.81 1.26
CA GLU A 83 -6.75 4.18 0.77
C GLU A 83 -5.35 4.26 0.15
N LEU A 84 -4.37 3.66 0.78
CA LEU A 84 -3.00 3.71 0.20
C LEU A 84 -2.97 2.87 -1.08
N LEU A 85 -3.70 1.79 -1.11
CA LEU A 85 -3.71 0.95 -2.35
C LEU A 85 -4.43 1.71 -3.46
N ALA A 86 -5.45 2.46 -3.12
CA ALA A 86 -6.20 3.23 -4.15
C ALA A 86 -5.26 4.29 -4.76
N GLU A 87 -4.36 4.81 -3.98
CA GLU A 87 -3.41 5.83 -4.52
C GLU A 87 -2.39 5.12 -5.41
N TRP A 88 -1.96 3.95 -5.03
CA TRP A 88 -0.99 3.20 -5.87
C TRP A 88 -1.68 2.78 -7.17
N LYS A 89 -2.96 2.53 -7.11
CA LYS A 89 -3.69 2.11 -8.34
C LYS A 89 -3.83 3.31 -9.28
N ARG A 90 -4.04 4.48 -8.75
CA ARG A 90 -4.19 5.68 -9.62
C ARG A 90 -2.88 5.92 -10.38
N THR A 91 -1.75 5.82 -9.71
CA THR A 91 -0.46 6.06 -10.41
C THR A 91 0.12 4.71 -10.85
N GLY A 92 0.06 3.72 -10.01
CA GLY A 92 0.61 2.39 -10.38
C GLY A 92 2.06 2.28 -9.89
N LYS A 61 -2.21 -9.44 -7.19
CA LYS A 61 -1.46 -8.31 -7.79
C LYS A 61 -1.13 -7.29 -6.69
N ILE A 62 0.13 -7.07 -6.40
CA ILE A 62 0.46 -6.08 -5.33
C ILE A 62 1.80 -5.42 -5.66
N THR A 63 1.82 -4.11 -5.74
CA THR A 63 3.09 -3.39 -6.03
C THR A 63 3.35 -2.39 -4.91
N PHE A 64 4.46 -2.52 -4.22
CA PHE A 64 4.76 -1.57 -3.11
C PHE A 64 5.76 -0.51 -3.60
N PRO A 65 5.50 0.76 -3.35
CA PRO A 65 6.44 1.84 -3.77
C PRO A 65 7.89 1.52 -3.38
N SER A 66 8.82 2.15 -4.04
CA SER A 66 10.25 1.90 -3.73
C SER A 66 10.58 2.35 -2.30
N ASP A 67 9.62 2.90 -1.59
CA ASP A 67 9.89 3.36 -0.20
C ASP A 67 8.93 2.71 0.80
N ILE A 68 8.21 1.68 0.40
CA ILE A 68 7.25 1.03 1.34
C ILE A 68 7.68 -0.41 1.64
N ASP A 69 7.80 -0.73 2.89
CA ASP A 69 8.20 -2.12 3.28
C ASP A 69 6.91 -2.95 3.43
N PRO A 70 6.90 -4.18 2.95
CA PRO A 70 5.70 -5.07 3.04
C PRO A 70 5.32 -5.43 4.49
N GLN A 71 6.29 -5.63 5.35
CA GLN A 71 5.96 -5.98 6.75
C GLN A 71 5.48 -4.74 7.50
N VAL A 72 5.93 -3.58 7.12
CA VAL A 72 5.48 -2.35 7.83
C VAL A 72 4.16 -1.90 7.22
N PHE A 73 3.87 -2.29 6.01
CA PHE A 73 2.61 -1.88 5.36
C PHE A 73 1.44 -2.73 5.89
N TYR A 74 1.53 -4.02 5.79
CA TYR A 74 0.42 -4.88 6.29
C TYR A 74 0.19 -4.58 7.78
N GLU A 75 1.13 -3.93 8.41
CA GLU A 75 0.96 -3.60 9.85
C GLU A 75 0.03 -2.40 9.99
N LEU A 76 -0.41 -1.85 8.89
CA LEU A 76 -1.31 -0.66 8.95
C LEU A 76 -2.78 -1.13 8.91
N PRO A 77 -3.69 -0.37 9.49
CA PRO A 77 -5.14 -0.73 9.48
C PRO A 77 -5.65 -0.98 8.06
N GLU A 78 -6.73 -1.71 7.93
CA GLU A 78 -7.29 -2.00 6.58
C GLU A 78 -7.73 -0.68 5.91
N ALA A 79 -8.47 0.13 6.59
CA ALA A 79 -8.93 1.41 5.98
C ALA A 79 -7.72 2.15 5.38
N VAL A 80 -6.58 2.05 6.02
CA VAL A 80 -5.36 2.71 5.49
C VAL A 80 -4.81 1.87 4.33
N GLN A 81 -4.91 0.58 4.44
CA GLN A 81 -4.41 -0.31 3.36
C GLN A 81 -5.17 -0.02 2.07
N LYS A 82 -6.47 0.06 2.16
CA LYS A 82 -7.30 0.34 0.95
C LYS A 82 -6.98 1.73 0.41
N GLU A 83 -6.99 2.73 1.24
CA GLU A 83 -6.70 4.11 0.76
C GLU A 83 -5.30 4.17 0.15
N LEU A 84 -4.33 3.55 0.78
CA LEU A 84 -2.95 3.59 0.21
C LEU A 84 -2.90 2.76 -1.06
N LEU A 85 -3.61 1.65 -1.09
CA LEU A 85 -3.60 0.81 -2.32
C LEU A 85 -4.31 1.58 -3.45
N ALA A 86 -5.32 2.34 -3.11
CA ALA A 86 -6.05 3.12 -4.16
C ALA A 86 -5.10 4.17 -4.74
N GLU A 87 -4.20 4.67 -3.93
CA GLU A 87 -3.23 5.70 -4.44
C GLU A 87 -2.23 5.01 -5.37
N TRP A 88 -1.74 3.86 -4.99
CA TRP A 88 -0.78 3.14 -5.86
C TRP A 88 -1.49 2.75 -7.16
N LYS A 89 -2.77 2.50 -7.07
CA LYS A 89 -3.54 2.11 -8.29
C LYS A 89 -3.79 3.33 -9.16
N ARG A 90 -4.07 4.46 -8.57
CA ARG A 90 -4.32 5.67 -9.39
C ARG A 90 -3.09 5.97 -10.24
N THR A 91 -1.92 5.85 -9.66
CA THR A 91 -0.68 6.10 -10.45
C THR A 91 -0.17 4.77 -11.01
N GLY A 92 -0.22 3.73 -10.23
CA GLY A 92 0.25 2.41 -10.73
C GLY A 92 1.78 2.36 -10.65
N LYS A 61 -1.83 -9.26 -8.16
CA LYS A 61 -0.42 -8.80 -8.06
C LYS A 61 -0.37 -7.48 -7.27
N ILE A 62 0.38 -7.43 -6.21
CA ILE A 62 0.47 -6.17 -5.42
C ILE A 62 1.84 -5.53 -5.64
N THR A 63 1.88 -4.23 -5.79
CA THR A 63 3.19 -3.54 -6.01
C THR A 63 3.39 -2.49 -4.90
N PHE A 64 4.45 -2.60 -4.16
CA PHE A 64 4.71 -1.62 -3.08
C PHE A 64 5.76 -0.60 -3.56
N PRO A 65 5.55 0.68 -3.35
CA PRO A 65 6.54 1.73 -3.76
C PRO A 65 7.98 1.36 -3.37
N SER A 66 8.94 1.97 -4.01
CA SER A 66 10.37 1.68 -3.69
C SER A 66 10.70 2.20 -2.29
N ASP A 67 9.76 2.83 -1.63
CA ASP A 67 10.03 3.37 -0.26
C ASP A 67 9.07 2.76 0.76
N ILE A 68 8.31 1.76 0.37
CA ILE A 68 7.35 1.12 1.33
C ILE A 68 7.76 -0.31 1.64
N ASP A 69 7.84 -0.64 2.89
CA ASP A 69 8.22 -2.02 3.29
C ASP A 69 6.93 -2.86 3.42
N PRO A 70 6.93 -4.08 2.93
CA PRO A 70 5.72 -4.97 2.99
C PRO A 70 5.32 -5.34 4.43
N GLN A 71 6.28 -5.54 5.29
CA GLN A 71 5.96 -5.91 6.70
C GLN A 71 5.46 -4.67 7.46
N VAL A 72 5.94 -3.51 7.11
CA VAL A 72 5.47 -2.28 7.81
C VAL A 72 4.14 -1.84 7.20
N PHE A 73 3.88 -2.24 5.99
CA PHE A 73 2.60 -1.84 5.31
C PHE A 73 1.45 -2.68 5.86
N TYR A 74 1.55 -3.97 5.79
CA TYR A 74 0.44 -4.84 6.29
C TYR A 74 0.21 -4.56 7.77
N GLU A 75 1.14 -3.93 8.44
CA GLU A 75 0.96 -3.64 9.88
C GLU A 75 -0.01 -2.46 10.03
N LEU A 76 -0.45 -1.91 8.93
CA LEU A 76 -1.39 -0.75 9.02
C LEU A 76 -2.84 -1.25 8.93
N PRO A 77 -3.77 -0.54 9.53
CA PRO A 77 -5.21 -0.93 9.48
C PRO A 77 -5.70 -1.14 8.04
N GLU A 78 -6.77 -1.86 7.87
CA GLU A 78 -7.30 -2.11 6.50
C GLU A 78 -7.73 -0.78 5.86
N ALA A 79 -8.50 0.01 6.57
CA ALA A 79 -8.95 1.31 5.98
C ALA A 79 -7.73 2.06 5.43
N VAL A 80 -6.61 1.96 6.09
CA VAL A 80 -5.39 2.65 5.61
C VAL A 80 -4.82 1.86 4.43
N GLN A 81 -4.92 0.57 4.50
CA GLN A 81 -4.40 -0.28 3.38
C GLN A 81 -5.15 0.06 2.09
N LYS A 82 -6.45 0.15 2.17
CA LYS A 82 -7.25 0.47 0.95
C LYS A 82 -6.93 1.88 0.45
N GLU A 83 -6.94 2.86 1.30
CA GLU A 83 -6.64 4.24 0.83
C GLU A 83 -5.24 4.30 0.21
N LEU A 84 -4.29 3.63 0.79
CA LEU A 84 -2.91 3.66 0.21
C LEU A 84 -2.90 2.84 -1.08
N LEU A 85 -3.64 1.77 -1.14
CA LEU A 85 -3.67 0.96 -2.39
C LEU A 85 -4.43 1.73 -3.47
N ALA A 86 -5.45 2.46 -3.10
CA ALA A 86 -6.22 3.25 -4.12
C ALA A 86 -5.29 4.29 -4.72
N GLU A 87 -4.39 4.82 -3.94
CA GLU A 87 -3.44 5.84 -4.48
C GLU A 87 -2.41 5.12 -5.36
N TRP A 88 -2.01 3.94 -4.96
CA TRP A 88 -1.04 3.17 -5.78
C TRP A 88 -1.70 2.80 -7.11
N LYS A 89 -2.96 2.48 -7.06
CA LYS A 89 -3.68 2.10 -8.31
C LYS A 89 -3.77 3.32 -9.24
N ARG A 90 -3.99 4.48 -8.69
CA ARG A 90 -4.08 5.68 -9.57
C ARG A 90 -2.75 5.83 -10.31
N THR A 91 -1.65 5.64 -9.64
CA THR A 91 -0.33 5.74 -10.33
C THR A 91 -0.13 4.45 -11.13
N GLY A 92 -0.49 3.33 -10.56
CA GLY A 92 -0.33 2.04 -11.26
C GLY A 92 0.91 1.32 -10.75
N LYS A 61 -1.33 -10.02 -7.57
CA LYS A 61 0.04 -9.44 -7.63
C LYS A 61 0.03 -8.05 -6.98
N ILE A 62 0.76 -7.89 -5.90
CA ILE A 62 0.78 -6.56 -5.22
C ILE A 62 2.08 -5.81 -5.57
N THR A 63 2.01 -4.52 -5.66
CA THR A 63 3.22 -3.72 -5.98
C THR A 63 3.39 -2.62 -4.92
N PHE A 64 4.45 -2.69 -4.16
CA PHE A 64 4.68 -1.66 -3.10
C PHE A 64 5.68 -0.62 -3.62
N PRO A 65 5.42 0.66 -3.41
CA PRO A 65 6.36 1.73 -3.85
C PRO A 65 7.81 1.43 -3.48
N SER A 66 8.73 1.99 -4.21
CA SER A 66 10.18 1.77 -3.91
C SER A 66 10.51 2.28 -2.50
N ASP A 67 9.55 2.83 -1.80
CA ASP A 67 9.83 3.36 -0.43
C ASP A 67 8.89 2.72 0.60
N ILE A 68 8.21 1.66 0.26
CA ILE A 68 7.27 1.02 1.24
C ILE A 68 7.75 -0.38 1.61
N ASP A 69 7.86 -0.64 2.88
CA ASP A 69 8.29 -1.98 3.35
C ASP A 69 7.02 -2.87 3.48
N PRO A 70 7.08 -4.11 3.05
CA PRO A 70 5.90 -5.02 3.11
C PRO A 70 5.46 -5.37 4.54
N GLN A 71 6.40 -5.55 5.43
CA GLN A 71 6.02 -5.89 6.84
C GLN A 71 5.50 -4.64 7.54
N VAL A 72 5.94 -3.49 7.14
CA VAL A 72 5.45 -2.25 7.80
C VAL A 72 4.12 -1.83 7.19
N PHE A 73 3.84 -2.28 5.99
CA PHE A 73 2.56 -1.92 5.32
C PHE A 73 1.42 -2.78 5.86
N TYR A 74 1.56 -4.08 5.81
CA TYR A 74 0.46 -4.95 6.32
C TYR A 74 0.20 -4.64 7.79
N GLU A 75 1.12 -4.00 8.46
CA GLU A 75 0.89 -3.67 9.89
C GLU A 75 -0.05 -2.47 9.99
N LEU A 76 -0.44 -1.92 8.87
CA LEU A 76 -1.35 -0.73 8.90
C LEU A 76 -2.82 -1.21 8.87
N PRO A 77 -3.72 -0.45 9.45
CA PRO A 77 -5.16 -0.80 9.46
C PRO A 77 -5.71 -1.06 8.06
N GLU A 78 -6.80 -1.77 7.95
CA GLU A 78 -7.37 -2.06 6.60
C GLU A 78 -7.79 -0.74 5.93
N ALA A 79 -8.51 0.09 6.62
CA ALA A 79 -8.96 1.37 6.00
C ALA A 79 -7.75 2.11 5.42
N VAL A 80 -6.62 2.01 6.06
CA VAL A 80 -5.39 2.68 5.53
C VAL A 80 -4.83 1.84 4.38
N GLN A 81 -4.93 0.55 4.49
CA GLN A 81 -4.42 -0.34 3.40
C GLN A 81 -5.17 -0.04 2.11
N LYS A 82 -6.48 0.05 2.19
CA LYS A 82 -7.29 0.33 0.97
C LYS A 82 -6.99 1.73 0.44
N GLU A 83 -7.00 2.72 1.28
CA GLU A 83 -6.74 4.11 0.80
C GLU A 83 -5.34 4.20 0.19
N LEU A 84 -4.37 3.56 0.78
CA LEU A 84 -3.00 3.63 0.21
C LEU A 84 -2.95 2.83 -1.08
N LEU A 85 -3.69 1.75 -1.15
CA LEU A 85 -3.70 0.93 -2.39
C LEU A 85 -4.43 1.72 -3.49
N ALA A 86 -5.42 2.49 -3.14
CA ALA A 86 -6.15 3.28 -4.17
C ALA A 86 -5.21 4.35 -4.74
N GLU A 87 -4.37 4.91 -3.91
CA GLU A 87 -3.41 5.94 -4.41
C GLU A 87 -2.37 5.26 -5.28
N TRP A 88 -1.96 4.08 -4.90
CA TRP A 88 -0.97 3.34 -5.73
C TRP A 88 -1.59 3.02 -7.08
N LYS A 89 -2.86 2.72 -7.09
CA LYS A 89 -3.55 2.38 -8.36
C LYS A 89 -3.67 3.62 -9.25
N ARG A 90 -3.87 4.78 -8.68
CA ARG A 90 -4.00 6.00 -9.52
C ARG A 90 -2.67 6.26 -10.23
N THR A 91 -1.57 6.19 -9.53
CA THR A 91 -0.27 6.44 -10.20
C THR A 91 0.32 5.11 -10.66
N GLY A 92 0.23 4.10 -9.84
CA GLY A 92 0.78 2.76 -10.23
C GLY A 92 2.21 2.63 -9.71
N LYS A 61 -1.21 -9.71 -8.17
CA LYS A 61 0.15 -9.12 -8.19
C LYS A 61 0.11 -7.79 -7.42
N ILE A 62 0.83 -7.70 -6.33
CA ILE A 62 0.83 -6.43 -5.55
C ILE A 62 2.13 -5.67 -5.79
N THR A 63 2.08 -4.37 -5.81
CA THR A 63 3.31 -3.56 -6.04
C THR A 63 3.45 -2.52 -4.93
N PHE A 64 4.51 -2.61 -4.16
CA PHE A 64 4.71 -1.63 -3.05
C PHE A 64 5.73 -0.56 -3.51
N PRO A 65 5.46 0.70 -3.26
CA PRO A 65 6.40 1.79 -3.66
C PRO A 65 7.86 1.48 -3.28
N SER A 66 8.79 2.10 -3.93
CA SER A 66 10.23 1.87 -3.63
C SER A 66 10.54 2.37 -2.21
N ASP A 67 9.59 2.93 -1.52
CA ASP A 67 9.85 3.43 -0.15
C ASP A 67 8.91 2.77 0.87
N ILE A 68 8.21 1.74 0.49
CA ILE A 68 7.28 1.07 1.45
C ILE A 68 7.73 -0.36 1.75
N ASP A 69 7.83 -0.68 3.01
CA ASP A 69 8.24 -2.05 3.41
C ASP A 69 6.97 -2.93 3.53
N PRO A 70 7.01 -4.15 3.04
CA PRO A 70 5.83 -5.06 3.10
C PRO A 70 5.42 -5.45 4.52
N GLN A 71 6.37 -5.61 5.41
CA GLN A 71 6.00 -5.97 6.81
C GLN A 71 5.48 -4.73 7.52
N VAL A 72 5.90 -3.57 7.11
CA VAL A 72 5.40 -2.33 7.76
C VAL A 72 4.07 -1.91 7.12
N PHE A 73 3.82 -2.36 5.93
CA PHE A 73 2.54 -1.99 5.23
C PHE A 73 1.40 -2.86 5.74
N TYR A 74 1.52 -4.16 5.63
CA TYR A 74 0.42 -5.06 6.11
C TYR A 74 0.15 -4.80 7.59
N GLU A 75 1.04 -4.15 8.27
CA GLU A 75 0.82 -3.88 9.73
C GLU A 75 -0.07 -2.65 9.88
N LEU A 76 -0.46 -2.03 8.80
CA LEU A 76 -1.32 -0.82 8.91
C LEU A 76 -2.80 -1.23 8.83
N PRO A 77 -3.69 -0.48 9.43
CA PRO A 77 -5.15 -0.80 9.39
C PRO A 77 -5.66 -0.99 7.96
N GLU A 78 -6.75 -1.69 7.82
CA GLU A 78 -7.32 -1.93 6.45
C GLU A 78 -7.71 -0.59 5.81
N ALA A 79 -8.43 0.24 6.52
CA ALA A 79 -8.86 1.54 5.93
C ALA A 79 -7.62 2.30 5.42
N VAL A 80 -6.51 2.16 6.10
CA VAL A 80 -5.28 2.86 5.65
C VAL A 80 -4.68 2.08 4.48
N GLN A 81 -4.79 0.78 4.53
CA GLN A 81 -4.26 -0.06 3.43
C GLN A 81 -5.03 0.24 2.14
N LYS A 82 -6.33 0.29 2.23
CA LYS A 82 -7.16 0.57 1.02
C LYS A 82 -6.86 1.96 0.47
N GLU A 83 -6.86 2.97 1.31
CA GLU A 83 -6.59 4.34 0.81
C GLU A 83 -5.21 4.39 0.16
N LEU A 84 -4.23 3.77 0.75
CA LEU A 84 -2.87 3.79 0.16
C LEU A 84 -2.87 2.93 -1.11
N LEU A 85 -3.57 1.83 -1.09
CA LEU A 85 -3.62 0.97 -2.31
C LEU A 85 -4.38 1.71 -3.41
N ALA A 86 -5.43 2.43 -3.06
CA ALA A 86 -6.19 3.17 -4.08
C ALA A 86 -5.29 4.24 -4.72
N GLU A 87 -4.36 4.76 -3.96
CA GLU A 87 -3.43 5.78 -4.53
C GLU A 87 -2.40 5.08 -5.41
N TRP A 88 -2.00 3.89 -5.05
CA TRP A 88 -1.02 3.15 -5.88
C TRP A 88 -1.68 2.76 -7.20
N LYS A 89 -2.91 2.35 -7.15
CA LYS A 89 -3.64 1.95 -8.39
C LYS A 89 -4.02 3.18 -9.20
N ARG A 90 -4.31 4.28 -8.55
CA ARG A 90 -4.69 5.49 -9.30
C ARG A 90 -3.52 5.95 -10.16
N THR A 91 -2.33 5.95 -9.62
CA THR A 91 -1.15 6.37 -10.42
C THR A 91 -0.37 5.13 -10.88
N GLY A 92 -0.22 4.16 -10.02
CA GLY A 92 0.53 2.93 -10.41
C GLY A 92 1.86 2.87 -9.65
N LYS A 61 -1.71 -9.95 -7.12
CA LYS A 61 -1.07 -8.75 -7.74
C LYS A 61 -0.86 -7.68 -6.67
N ILE A 62 0.37 -7.36 -6.36
CA ILE A 62 0.61 -6.31 -5.33
C ILE A 62 1.94 -5.61 -5.60
N THR A 63 1.92 -4.31 -5.69
CA THR A 63 3.18 -3.55 -5.95
C THR A 63 3.36 -2.49 -4.85
N PHE A 64 4.42 -2.59 -4.09
CA PHE A 64 4.65 -1.61 -3.00
C PHE A 64 5.63 -0.53 -3.49
N PRO A 65 5.35 0.74 -3.27
CA PRO A 65 6.26 1.83 -3.68
C PRO A 65 7.72 1.56 -3.28
N SER A 66 8.65 2.18 -3.95
CA SER A 66 10.09 1.97 -3.63
C SER A 66 10.39 2.46 -2.22
N ASP A 67 9.43 3.00 -1.52
CA ASP A 67 9.68 3.50 -0.14
C ASP A 67 8.73 2.84 0.86
N ILE A 68 8.05 1.79 0.46
CA ILE A 68 7.10 1.11 1.41
C ILE A 68 7.55 -0.32 1.68
N ASP A 69 7.67 -0.66 2.94
CA ASP A 69 8.09 -2.05 3.31
C ASP A 69 6.82 -2.91 3.47
N PRO A 70 6.84 -4.13 2.97
CA PRO A 70 5.64 -5.03 3.07
C PRO A 70 5.30 -5.42 4.50
N GLN A 71 6.29 -5.62 5.32
CA GLN A 71 6.02 -6.00 6.74
C GLN A 71 5.46 -4.80 7.50
N VAL A 72 5.90 -3.62 7.18
CA VAL A 72 5.38 -2.42 7.90
C VAL A 72 4.05 -2.01 7.27
N PHE A 73 3.82 -2.39 6.04
CA PHE A 73 2.55 -2.02 5.36
C PHE A 73 1.39 -2.86 5.91
N TYR A 74 1.52 -4.16 5.87
CA TYR A 74 0.40 -5.02 6.39
C TYR A 74 0.19 -4.73 7.88
N GLU A 75 1.13 -4.10 8.52
CA GLU A 75 0.96 -3.78 9.97
C GLU A 75 0.03 -2.58 10.11
N LEU A 76 -0.36 -1.99 9.00
CA LEU A 76 -1.25 -0.81 9.06
C LEU A 76 -2.73 -1.25 8.98
N PRO A 77 -3.64 -0.51 9.56
CA PRO A 77 -5.09 -0.86 9.52
C PRO A 77 -5.58 -1.07 8.08
N GLU A 78 -6.66 -1.77 7.91
CA GLU A 78 -7.19 -2.01 6.53
C GLU A 78 -7.57 -0.68 5.89
N ALA A 79 -8.31 0.15 6.56
CA ALA A 79 -8.72 1.46 5.97
C ALA A 79 -7.48 2.18 5.43
N VAL A 80 -6.36 2.05 6.10
CA VAL A 80 -5.12 2.72 5.61
C VAL A 80 -4.57 1.94 4.43
N GLN A 81 -4.71 0.63 4.49
CA GLN A 81 -4.21 -0.22 3.38
C GLN A 81 -4.97 0.11 2.10
N LYS A 82 -6.27 0.21 2.18
CA LYS A 82 -7.08 0.52 0.96
C LYS A 82 -6.74 1.90 0.43
N GLU A 83 -6.75 2.90 1.27
CA GLU A 83 -6.45 4.28 0.78
C GLU A 83 -5.07 4.31 0.11
N LEU A 84 -4.11 3.62 0.63
CA LEU A 84 -2.77 3.62 0.00
C LEU A 84 -2.81 2.78 -1.28
N LEU A 85 -3.58 1.72 -1.28
CA LEU A 85 -3.66 0.88 -2.50
C LEU A 85 -4.40 1.65 -3.59
N ALA A 86 -5.43 2.37 -3.22
CA ALA A 86 -6.19 3.15 -4.24
C ALA A 86 -5.27 4.22 -4.83
N GLU A 87 -4.36 4.74 -4.04
CA GLU A 87 -3.42 5.78 -4.57
C GLU A 87 -2.39 5.09 -5.47
N TRP A 88 -1.99 3.89 -5.11
CA TRP A 88 -1.00 3.16 -5.96
C TRP A 88 -1.67 2.80 -7.28
N LYS A 89 -2.95 2.53 -7.26
CA LYS A 89 -3.66 2.15 -8.50
C LYS A 89 -3.84 3.38 -9.41
N ARG A 90 -4.11 4.53 -8.84
CA ARG A 90 -4.28 5.73 -9.67
C ARG A 90 -2.98 6.04 -10.42
N THR A 91 -1.86 5.95 -9.75
CA THR A 91 -0.57 6.22 -10.43
C THR A 91 0.04 4.91 -10.92
N GLY A 92 -0.04 3.89 -10.11
CA GLY A 92 0.53 2.57 -10.52
C GLY A 92 1.92 2.39 -9.89
N LYS A 61 -1.14 -10.27 -7.21
CA LYS A 61 -0.69 -8.99 -7.84
C LYS A 61 -0.57 -7.91 -6.76
N ILE A 62 0.62 -7.45 -6.50
CA ILE A 62 0.80 -6.38 -5.48
C ILE A 62 2.08 -5.60 -5.77
N THR A 63 2.00 -4.29 -5.78
CA THR A 63 3.20 -3.46 -6.06
C THR A 63 3.39 -2.46 -4.91
N PHE A 64 4.46 -2.57 -4.19
CA PHE A 64 4.69 -1.63 -3.05
C PHE A 64 5.65 -0.50 -3.50
N PRO A 65 5.32 0.74 -3.23
CA PRO A 65 6.20 1.88 -3.61
C PRO A 65 7.67 1.63 -3.24
N SER A 66 8.59 2.23 -3.94
CA SER A 66 10.03 2.02 -3.64
C SER A 66 10.36 2.53 -2.23
N ASP A 67 9.39 3.07 -1.54
CA ASP A 67 9.67 3.61 -0.16
C ASP A 67 8.75 2.93 0.87
N ILE A 68 8.06 1.88 0.49
CA ILE A 68 7.15 1.20 1.46
C ILE A 68 7.60 -0.23 1.74
N ASP A 69 7.71 -0.57 2.99
CA ASP A 69 8.13 -1.96 3.36
C ASP A 69 6.87 -2.85 3.43
N PRO A 70 6.95 -4.06 2.94
CA PRO A 70 5.78 -5.00 2.93
C PRO A 70 5.34 -5.43 4.34
N GLN A 71 6.27 -5.68 5.22
CA GLN A 71 5.90 -6.10 6.60
C GLN A 71 5.38 -4.89 7.39
N VAL A 72 5.83 -3.71 7.08
CA VAL A 72 5.33 -2.52 7.81
C VAL A 72 4.00 -2.07 7.19
N PHE A 73 3.78 -2.43 5.95
CA PHE A 73 2.52 -2.03 5.26
C PHE A 73 1.35 -2.88 5.77
N TYR A 74 1.45 -4.18 5.66
CA TYR A 74 0.34 -5.05 6.13
C TYR A 74 0.08 -4.80 7.61
N GLU A 75 1.00 -4.17 8.29
CA GLU A 75 0.80 -3.88 9.74
C GLU A 75 -0.07 -2.63 9.90
N LEU A 76 -0.41 -1.98 8.81
CA LEU A 76 -1.25 -0.76 8.90
C LEU A 76 -2.74 -1.14 8.84
N PRO A 77 -3.61 -0.34 9.43
CA PRO A 77 -5.08 -0.62 9.41
C PRO A 77 -5.60 -0.84 7.98
N GLU A 78 -6.71 -1.50 7.84
CA GLU A 78 -7.28 -1.75 6.49
C GLU A 78 -7.65 -0.41 5.83
N ALA A 79 -8.40 0.41 6.51
CA ALA A 79 -8.80 1.72 5.90
C ALA A 79 -7.55 2.42 5.37
N VAL A 80 -6.44 2.26 6.03
CA VAL A 80 -5.18 2.90 5.55
C VAL A 80 -4.62 2.05 4.41
N GLN A 81 -4.75 0.76 4.51
CA GLN A 81 -4.24 -0.14 3.43
C GLN A 81 -5.00 0.15 2.13
N LYS A 82 -6.31 0.14 2.20
CA LYS A 82 -7.11 0.41 0.98
C LYS A 82 -6.79 1.81 0.45
N GLU A 83 -6.79 2.80 1.29
CA GLU A 83 -6.49 4.18 0.83
C GLU A 83 -5.09 4.23 0.21
N LEU A 84 -4.14 3.58 0.80
CA LEU A 84 -2.77 3.59 0.22
C LEU A 84 -2.74 2.75 -1.04
N LEU A 85 -3.49 1.67 -1.07
CA LEU A 85 -3.52 0.82 -2.29
C LEU A 85 -4.26 1.58 -3.38
N ALA A 86 -5.29 2.31 -3.03
CA ALA A 86 -6.04 3.08 -4.06
C ALA A 86 -5.11 4.13 -4.66
N GLU A 87 -4.21 4.64 -3.88
CA GLU A 87 -3.25 5.65 -4.42
C GLU A 87 -2.23 4.91 -5.30
N TRP A 88 -1.89 3.70 -4.94
CA TRP A 88 -0.93 2.93 -5.78
C TRP A 88 -1.63 2.55 -7.08
N LYS A 89 -2.91 2.35 -7.03
CA LYS A 89 -3.65 1.96 -8.26
C LYS A 89 -3.89 3.19 -9.13
N ARG A 90 -4.19 4.31 -8.55
CA ARG A 90 -4.42 5.53 -9.38
C ARG A 90 -3.15 5.83 -10.18
N THR A 91 -2.01 5.73 -9.56
CA THR A 91 -0.74 6.00 -10.29
C THR A 91 -0.14 4.67 -10.76
N GLY A 92 -0.19 3.66 -9.95
CA GLY A 92 0.38 2.34 -10.35
C GLY A 92 1.65 2.06 -9.55
N LYS A 61 -1.87 -9.44 -7.30
CA LYS A 61 -0.49 -8.90 -7.46
C LYS A 61 -0.41 -7.52 -6.82
N ILE A 62 0.41 -7.37 -5.80
CA ILE A 62 0.52 -6.05 -5.13
C ILE A 62 1.89 -5.42 -5.41
N THR A 63 1.92 -4.15 -5.71
CA THR A 63 3.21 -3.46 -5.96
C THR A 63 3.42 -2.40 -4.89
N PHE A 64 4.50 -2.49 -4.16
CA PHE A 64 4.75 -1.50 -3.08
C PHE A 64 5.79 -0.46 -3.57
N PRO A 65 5.55 0.82 -3.35
CA PRO A 65 6.51 1.88 -3.76
C PRO A 65 7.95 1.55 -3.36
N SER A 66 8.90 2.17 -3.99
CA SER A 66 10.33 1.92 -3.66
C SER A 66 10.63 2.40 -2.24
N ASP A 67 9.67 2.97 -1.57
CA ASP A 67 9.91 3.47 -0.18
C ASP A 67 8.94 2.83 0.81
N ILE A 68 8.24 1.80 0.42
CA ILE A 68 7.28 1.15 1.37
C ILE A 68 7.71 -0.29 1.66
N ASP A 69 7.80 -0.62 2.92
CA ASP A 69 8.20 -2.00 3.31
C ASP A 69 6.92 -2.87 3.37
N PRO A 70 6.97 -4.09 2.87
CA PRO A 70 5.79 -5.00 2.87
C PRO A 70 5.36 -5.44 4.28
N GLN A 71 6.31 -5.67 5.16
CA GLN A 71 5.95 -6.10 6.54
C GLN A 71 5.43 -4.89 7.32
N VAL A 72 5.86 -3.71 7.00
CA VAL A 72 5.35 -2.52 7.74
C VAL A 72 4.01 -2.10 7.14
N PHE A 73 3.78 -2.46 5.90
CA PHE A 73 2.48 -2.09 5.25
C PHE A 73 1.36 -2.96 5.81
N TYR A 74 1.52 -4.26 5.75
CA TYR A 74 0.44 -5.14 6.29
C TYR A 74 0.18 -4.79 7.76
N GLU A 75 1.09 -4.07 8.36
CA GLU A 75 0.90 -3.70 9.80
C GLU A 75 -0.03 -2.49 9.90
N LEU A 76 -0.41 -1.90 8.80
CA LEU A 76 -1.30 -0.72 8.86
C LEU A 76 -2.77 -1.15 8.82
N PRO A 77 -3.66 -0.39 9.41
CA PRO A 77 -5.12 -0.72 9.41
C PRO A 77 -5.65 -0.97 8.01
N GLU A 78 -6.74 -1.68 7.88
CA GLU A 78 -7.32 -1.94 6.54
C GLU A 78 -7.76 -0.63 5.87
N ALA A 79 -8.49 0.19 6.58
CA ALA A 79 -8.94 1.48 5.98
C ALA A 79 -7.72 2.25 5.44
N VAL A 80 -6.62 2.16 6.12
CA VAL A 80 -5.39 2.87 5.65
C VAL A 80 -4.78 2.06 4.50
N GLN A 81 -4.89 0.77 4.58
CA GLN A 81 -4.34 -0.10 3.51
C GLN A 81 -5.08 0.17 2.21
N LYS A 82 -6.38 0.21 2.26
CA LYS A 82 -7.19 0.46 1.02
C LYS A 82 -6.90 1.85 0.46
N GLU A 83 -6.95 2.87 1.29
CA GLU A 83 -6.68 4.24 0.77
C GLU A 83 -5.29 4.30 0.14
N LEU A 84 -4.32 3.67 0.73
CA LEU A 84 -2.95 3.72 0.14
C LEU A 84 -2.92 2.84 -1.10
N LEU A 85 -3.61 1.73 -1.09
CA LEU A 85 -3.62 0.85 -2.27
C LEU A 85 -4.36 1.57 -3.41
N ALA A 86 -5.41 2.28 -3.08
CA ALA A 86 -6.17 3.02 -4.14
C ALA A 86 -5.26 4.09 -4.74
N GLU A 87 -4.36 4.63 -3.96
CA GLU A 87 -3.43 5.66 -4.51
C GLU A 87 -2.37 4.98 -5.38
N TRP A 88 -1.92 3.82 -4.98
CA TRP A 88 -0.91 3.09 -5.80
C TRP A 88 -1.56 2.69 -7.13
N LYS A 89 -2.83 2.37 -7.10
CA LYS A 89 -3.52 1.97 -8.34
C LYS A 89 -3.76 3.20 -9.23
N ARG A 90 -4.02 4.33 -8.65
CA ARG A 90 -4.26 5.55 -9.47
C ARG A 90 -2.99 5.86 -10.27
N THR A 91 -1.84 5.77 -9.66
CA THR A 91 -0.58 6.06 -10.40
C THR A 91 0.07 4.75 -10.84
N GLY A 92 0.07 3.77 -9.97
CA GLY A 92 0.69 2.45 -10.34
C GLY A 92 2.04 2.30 -9.64
N LYS A 61 -1.56 -9.51 -8.16
CA LYS A 61 -0.16 -9.02 -8.09
C LYS A 61 -0.12 -7.70 -7.30
N ILE A 62 0.64 -7.65 -6.24
CA ILE A 62 0.70 -6.39 -5.44
C ILE A 62 2.02 -5.67 -5.73
N THR A 63 1.98 -4.37 -5.78
CA THR A 63 3.21 -3.58 -6.04
C THR A 63 3.39 -2.54 -4.93
N PHE A 64 4.46 -2.65 -4.18
CA PHE A 64 4.70 -1.68 -3.08
C PHE A 64 5.70 -0.60 -3.54
N PRO A 65 5.43 0.66 -3.30
CA PRO A 65 6.36 1.76 -3.70
C PRO A 65 7.81 1.45 -3.32
N SER A 66 8.74 2.06 -4.00
CA SER A 66 10.18 1.83 -3.70
C SER A 66 10.50 2.32 -2.28
N ASP A 67 9.54 2.88 -1.59
CA ASP A 67 9.81 3.39 -0.21
C ASP A 67 8.87 2.73 0.81
N ILE A 68 8.17 1.70 0.41
CA ILE A 68 7.24 1.02 1.36
C ILE A 68 7.70 -0.41 1.65
N ASP A 69 7.84 -0.72 2.91
CA ASP A 69 8.25 -2.10 3.30
C ASP A 69 6.98 -2.96 3.43
N PRO A 70 6.99 -4.18 2.96
CA PRO A 70 5.80 -5.08 3.03
C PRO A 70 5.39 -5.44 4.46
N GLN A 71 6.34 -5.63 5.34
CA GLN A 71 5.99 -5.98 6.74
C GLN A 71 5.48 -4.75 7.50
N VAL A 72 5.94 -3.58 7.15
CA VAL A 72 5.46 -2.37 7.86
C VAL A 72 4.15 -1.91 7.23
N PHE A 73 3.92 -2.27 6.00
CA PHE A 73 2.66 -1.86 5.32
C PHE A 73 1.49 -2.69 5.85
N TYR A 74 1.58 -3.99 5.79
CA TYR A 74 0.48 -4.84 6.30
C TYR A 74 0.24 -4.54 7.78
N GLU A 75 1.17 -3.89 8.43
CA GLU A 75 0.98 -3.57 9.87
C GLU A 75 0.01 -2.38 10.00
N LEU A 76 -0.41 -1.83 8.90
CA LEU A 76 -1.34 -0.67 8.95
C LEU A 76 -2.79 -1.18 8.87
N PRO A 77 -3.72 -0.46 9.46
CA PRO A 77 -5.15 -0.86 9.45
C PRO A 77 -5.69 -1.01 8.03
N GLU A 78 -6.76 -1.74 7.86
CA GLU A 78 -7.33 -1.95 6.50
C GLU A 78 -7.72 -0.60 5.87
N ALA A 79 -8.45 0.22 6.58
CA ALA A 79 -8.87 1.52 5.99
C ALA A 79 -7.64 2.24 5.43
N VAL A 80 -6.52 2.09 6.07
CA VAL A 80 -5.28 2.76 5.57
C VAL A 80 -4.72 1.93 4.41
N GLN A 81 -4.84 0.64 4.49
CA GLN A 81 -4.34 -0.25 3.41
C GLN A 81 -5.10 0.05 2.13
N LYS A 82 -6.40 0.06 2.19
CA LYS A 82 -7.22 0.32 0.97
C LYS A 82 -6.94 1.73 0.44
N GLU A 83 -6.97 2.72 1.28
CA GLU A 83 -6.72 4.11 0.82
C GLU A 83 -5.34 4.19 0.17
N LEU A 84 -4.35 3.53 0.72
CA LEU A 84 -2.99 3.59 0.12
C LEU A 84 -2.97 2.75 -1.16
N LEU A 85 -3.68 1.65 -1.19
CA LEU A 85 -3.68 0.82 -2.41
C LEU A 85 -4.42 1.59 -3.51
N ALA A 86 -5.46 2.30 -3.16
CA ALA A 86 -6.20 3.09 -4.19
C ALA A 86 -5.28 4.17 -4.75
N GLU A 87 -4.43 4.72 -3.92
CA GLU A 87 -3.48 5.76 -4.40
C GLU A 87 -2.44 5.08 -5.28
N TRP A 88 -2.01 3.90 -4.93
CA TRP A 88 -1.03 3.17 -5.76
C TRP A 88 -1.68 2.84 -7.10
N LYS A 89 -2.98 2.69 -7.10
CA LYS A 89 -3.70 2.36 -8.38
C LYS A 89 -3.77 3.59 -9.26
N ARG A 90 -3.96 4.75 -8.69
CA ARG A 90 -4.03 5.98 -9.52
C ARG A 90 -2.68 6.18 -10.21
N THR A 91 -1.60 6.02 -9.50
CA THR A 91 -0.27 6.18 -10.14
C THR A 91 0.17 4.83 -10.72
N GLY A 92 -0.06 3.78 -9.99
CA GLY A 92 0.32 2.42 -10.49
C GLY A 92 1.73 2.07 -10.02
N LYS A 61 -2.00 -9.47 -7.54
CA LYS A 61 -0.60 -8.97 -7.59
C LYS A 61 -0.51 -7.64 -6.84
N ILE A 62 0.30 -7.55 -5.82
CA ILE A 62 0.41 -6.28 -5.07
C ILE A 62 1.79 -5.64 -5.35
N THR A 63 1.80 -4.36 -5.60
CA THR A 63 3.08 -3.66 -5.88
C THR A 63 3.29 -2.58 -4.81
N PHE A 64 4.39 -2.65 -4.12
CA PHE A 64 4.65 -1.64 -3.05
C PHE A 64 5.65 -0.59 -3.58
N PRO A 65 5.38 0.68 -3.39
CA PRO A 65 6.32 1.75 -3.84
C PRO A 65 7.77 1.46 -3.46
N SER A 66 8.70 2.06 -4.14
CA SER A 66 10.14 1.83 -3.82
C SER A 66 10.45 2.34 -2.41
N ASP A 67 9.48 2.89 -1.73
CA ASP A 67 9.74 3.42 -0.35
C ASP A 67 8.81 2.77 0.67
N ILE A 68 8.12 1.72 0.31
CA ILE A 68 7.19 1.07 1.27
C ILE A 68 7.67 -0.34 1.62
N ASP A 69 7.78 -0.63 2.89
CA ASP A 69 8.21 -1.98 3.33
C ASP A 69 6.96 -2.86 3.46
N PRO A 70 7.01 -4.10 3.02
CA PRO A 70 5.85 -5.03 3.10
C PRO A 70 5.46 -5.37 4.55
N GLN A 71 6.41 -5.51 5.42
CA GLN A 71 6.07 -5.85 6.83
C GLN A 71 5.53 -4.59 7.55
N VAL A 72 5.95 -3.42 7.14
CA VAL A 72 5.43 -2.20 7.80
C VAL A 72 4.10 -1.81 7.16
N PHE A 73 3.85 -2.26 5.96
CA PHE A 73 2.58 -1.91 5.26
C PHE A 73 1.44 -2.78 5.79
N TYR A 74 1.56 -4.09 5.70
CA TYR A 74 0.47 -4.97 6.19
C TYR A 74 0.21 -4.68 7.67
N GLU A 75 1.13 -4.02 8.31
CA GLU A 75 0.94 -3.70 9.77
C GLU A 75 -0.04 -2.53 9.91
N LEU A 76 -0.46 -1.96 8.81
CA LEU A 76 -1.40 -0.80 8.89
C LEU A 76 -2.85 -1.29 8.82
N PRO A 77 -3.78 -0.56 9.40
CA PRO A 77 -5.22 -0.92 9.35
C PRO A 77 -5.72 -1.15 7.92
N GLU A 78 -6.80 -1.88 7.76
CA GLU A 78 -7.34 -2.12 6.40
C GLU A 78 -7.77 -0.80 5.76
N ALA A 79 -8.49 0.02 6.47
CA ALA A 79 -8.94 1.32 5.90
C ALA A 79 -7.72 2.11 5.40
N VAL A 80 -6.62 2.01 6.09
CA VAL A 80 -5.39 2.73 5.65
C VAL A 80 -4.76 1.95 4.49
N GLN A 81 -4.85 0.65 4.54
CA GLN A 81 -4.30 -0.19 3.45
C GLN A 81 -5.05 0.12 2.15
N LYS A 82 -6.35 0.17 2.21
CA LYS A 82 -7.15 0.45 0.98
C LYS A 82 -6.85 1.85 0.45
N GLU A 83 -6.88 2.85 1.29
CA GLU A 83 -6.60 4.23 0.79
C GLU A 83 -5.20 4.29 0.19
N LEU A 84 -4.24 3.65 0.79
CA LEU A 84 -2.85 3.69 0.22
C LEU A 84 -2.83 2.84 -1.05
N LEU A 85 -3.54 1.74 -1.05
CA LEU A 85 -3.57 0.89 -2.27
C LEU A 85 -4.29 1.64 -3.39
N ALA A 86 -5.33 2.37 -3.05
CA ALA A 86 -6.08 3.13 -4.09
C ALA A 86 -5.16 4.19 -4.69
N GLU A 87 -4.25 4.71 -3.91
CA GLU A 87 -3.31 5.75 -4.44
C GLU A 87 -2.27 5.06 -5.34
N TRP A 88 -1.81 3.90 -4.96
CA TRP A 88 -0.82 3.18 -5.82
C TRP A 88 -1.48 2.85 -7.14
N LYS A 89 -2.76 2.61 -7.13
CA LYS A 89 -3.48 2.26 -8.39
C LYS A 89 -3.70 3.51 -9.24
N ARG A 90 -3.94 4.64 -8.63
CA ARG A 90 -4.15 5.87 -9.44
C ARG A 90 -2.88 6.16 -10.23
N THR A 91 -1.74 6.04 -9.60
CA THR A 91 -0.46 6.29 -10.33
C THR A 91 0.05 4.96 -10.88
N GLY A 92 -0.06 3.90 -10.10
CA GLY A 92 0.41 2.57 -10.59
C GLY A 92 1.74 2.21 -9.91
N LYS A 61 -1.54 -9.78 -7.54
CA LYS A 61 -1.00 -8.50 -8.07
C LYS A 61 -0.80 -7.51 -6.93
N ILE A 62 0.43 -7.17 -6.62
CA ILE A 62 0.68 -6.19 -5.53
C ILE A 62 2.01 -5.48 -5.78
N THR A 63 1.98 -4.18 -5.88
CA THR A 63 3.24 -3.42 -6.11
C THR A 63 3.43 -2.41 -4.99
N PHE A 64 4.49 -2.53 -4.24
CA PHE A 64 4.73 -1.58 -3.12
C PHE A 64 5.71 -0.49 -3.60
N PRO A 65 5.42 0.76 -3.37
CA PRO A 65 6.33 1.86 -3.77
C PRO A 65 7.78 1.58 -3.36
N SER A 66 8.72 2.19 -4.04
CA SER A 66 10.16 1.97 -3.70
C SER A 66 10.45 2.43 -2.28
N ASP A 67 9.47 2.95 -1.58
CA ASP A 67 9.73 3.43 -0.18
C ASP A 67 8.75 2.79 0.81
N ILE A 68 8.04 1.76 0.43
CA ILE A 68 7.08 1.12 1.38
C ILE A 68 7.53 -0.30 1.72
N ASP A 69 7.63 -0.60 2.99
CA ASP A 69 8.05 -1.95 3.42
C ASP A 69 6.80 -2.84 3.54
N PRO A 70 6.86 -4.08 3.08
CA PRO A 70 5.70 -5.01 3.13
C PRO A 70 5.32 -5.42 4.56
N GLN A 71 6.28 -5.64 5.42
CA GLN A 71 5.97 -6.03 6.82
C GLN A 71 5.38 -4.83 7.56
N VAL A 72 5.77 -3.63 7.22
CA VAL A 72 5.22 -2.45 7.92
C VAL A 72 3.90 -2.04 7.26
N PHE A 73 3.70 -2.42 6.02
CA PHE A 73 2.44 -2.05 5.32
C PHE A 73 1.29 -2.92 5.84
N TYR A 74 1.41 -4.21 5.75
CA TYR A 74 0.33 -5.09 6.24
C TYR A 74 0.09 -4.81 7.73
N GLU A 75 1.03 -4.17 8.37
CA GLU A 75 0.87 -3.85 9.82
C GLU A 75 0.01 -2.59 9.96
N LEU A 76 -0.33 -1.96 8.87
CA LEU A 76 -1.17 -0.73 8.95
C LEU A 76 -2.65 -1.11 8.93
N PRO A 77 -3.51 -0.31 9.49
CA PRO A 77 -4.97 -0.59 9.50
C PRO A 77 -5.50 -0.87 8.09
N GLU A 78 -6.61 -1.55 7.99
CA GLU A 78 -7.19 -1.85 6.65
C GLU A 78 -7.60 -0.55 5.94
N ALA A 79 -8.36 0.28 6.60
CA ALA A 79 -8.79 1.56 5.96
C ALA A 79 -7.57 2.29 5.40
N VAL A 80 -6.44 2.17 6.06
CA VAL A 80 -5.22 2.84 5.56
C VAL A 80 -4.63 2.00 4.42
N GLN A 81 -4.74 0.71 4.52
CA GLN A 81 -4.22 -0.20 3.46
C GLN A 81 -4.97 0.08 2.16
N LYS A 82 -6.27 0.11 2.21
CA LYS A 82 -7.09 0.36 1.00
C LYS A 82 -6.80 1.75 0.44
N GLU A 83 -6.84 2.76 1.26
CA GLU A 83 -6.59 4.14 0.76
C GLU A 83 -5.20 4.21 0.12
N LEU A 84 -4.22 3.58 0.69
CA LEU A 84 -2.87 3.62 0.08
C LEU A 84 -2.85 2.75 -1.16
N LEU A 85 -3.57 1.66 -1.16
CA LEU A 85 -3.60 0.78 -2.36
C LEU A 85 -4.31 1.53 -3.49
N ALA A 86 -5.35 2.26 -3.17
CA ALA A 86 -6.08 3.02 -4.23
C ALA A 86 -5.15 4.08 -4.80
N GLU A 87 -4.28 4.62 -4.00
CA GLU A 87 -3.33 5.65 -4.51
C GLU A 87 -2.30 4.97 -5.41
N TRP A 88 -1.86 3.79 -5.04
CA TRP A 88 -0.88 3.06 -5.90
C TRP A 88 -1.55 2.70 -7.23
N LYS A 89 -2.83 2.42 -7.18
CA LYS A 89 -3.56 2.04 -8.42
C LYS A 89 -4.00 3.30 -9.17
N ARG A 90 -3.98 4.44 -8.54
CA ARG A 90 -4.40 5.68 -9.25
C ARG A 90 -3.27 6.13 -10.18
N THR A 91 -2.06 6.18 -9.69
CA THR A 91 -0.93 6.62 -10.55
C THR A 91 -0.11 5.39 -10.98
N GLY A 92 0.12 4.46 -10.08
CA GLY A 92 0.91 3.26 -10.46
C GLY A 92 2.32 3.37 -9.88
N LYS A 61 -0.78 -10.77 -6.71
CA LYS A 61 -0.45 -9.51 -7.43
C LYS A 61 -0.39 -8.36 -6.43
N ILE A 62 0.79 -7.81 -6.21
CA ILE A 62 0.92 -6.67 -5.25
C ILE A 62 2.18 -5.86 -5.59
N THR A 63 2.06 -4.56 -5.62
CA THR A 63 3.24 -3.70 -5.94
C THR A 63 3.41 -2.65 -4.86
N PHE A 64 4.50 -2.69 -4.14
CA PHE A 64 4.72 -1.68 -3.06
C PHE A 64 5.64 -0.56 -3.58
N PRO A 65 5.30 0.69 -3.36
CA PRO A 65 6.15 1.83 -3.80
C PRO A 65 7.63 1.61 -3.45
N SER A 66 8.51 2.25 -4.16
CA SER A 66 9.97 2.09 -3.88
C SER A 66 10.29 2.58 -2.46
N ASP A 67 9.32 3.08 -1.75
CA ASP A 67 9.60 3.59 -0.36
C ASP A 67 8.68 2.91 0.66
N ILE A 68 8.05 1.82 0.30
CA ILE A 68 7.15 1.13 1.28
C ILE A 68 7.62 -0.29 1.57
N ASP A 69 7.71 -0.62 2.83
CA ASP A 69 8.14 -1.99 3.23
C ASP A 69 6.90 -2.88 3.38
N PRO A 70 6.95 -4.10 2.92
CA PRO A 70 5.78 -5.05 3.00
C PRO A 70 5.41 -5.42 4.44
N GLN A 71 6.38 -5.56 5.30
CA GLN A 71 6.07 -5.93 6.72
C GLN A 71 5.49 -4.70 7.44
N VAL A 72 5.90 -3.53 7.08
CA VAL A 72 5.36 -2.32 7.76
C VAL A 72 4.01 -1.96 7.14
N PHE A 73 3.77 -2.40 5.92
CA PHE A 73 2.48 -2.07 5.24
C PHE A 73 1.35 -2.97 5.78
N TYR A 74 1.50 -4.26 5.69
CA TYR A 74 0.43 -5.17 6.18
C TYR A 74 0.14 -4.88 7.66
N GLU A 75 1.01 -4.18 8.33
CA GLU A 75 0.78 -3.87 9.76
C GLU A 75 -0.11 -2.63 9.90
N LEU A 76 -0.44 -2.00 8.81
CA LEU A 76 -1.29 -0.78 8.88
C LEU A 76 -2.78 -1.18 8.83
N PRO A 77 -3.65 -0.38 9.41
CA PRO A 77 -5.12 -0.68 9.41
C PRO A 77 -5.64 -0.93 8.00
N GLU A 78 -6.74 -1.63 7.87
CA GLU A 78 -7.31 -1.90 6.52
C GLU A 78 -7.76 -0.58 5.87
N ALA A 79 -8.53 0.22 6.55
CA ALA A 79 -8.98 1.50 5.95
C ALA A 79 -7.78 2.28 5.43
N VAL A 80 -6.67 2.19 6.12
CA VAL A 80 -5.44 2.90 5.66
C VAL A 80 -4.83 2.10 4.51
N GLN A 81 -4.93 0.80 4.59
CA GLN A 81 -4.37 -0.06 3.51
C GLN A 81 -5.11 0.24 2.20
N LYS A 82 -6.42 0.30 2.25
CA LYS A 82 -7.21 0.59 1.03
C LYS A 82 -6.83 1.97 0.47
N GLU A 83 -6.82 2.98 1.30
CA GLU A 83 -6.48 4.34 0.81
C GLU A 83 -5.08 4.33 0.19
N LEU A 84 -4.16 3.60 0.76
CA LEU A 84 -2.79 3.57 0.19
C LEU A 84 -2.78 2.70 -1.06
N LEU A 85 -3.50 1.61 -1.05
CA LEU A 85 -3.53 0.74 -2.26
C LEU A 85 -4.27 1.49 -3.38
N ALA A 86 -5.31 2.20 -3.05
CA ALA A 86 -6.06 2.95 -4.10
C ALA A 86 -5.16 4.06 -4.65
N GLU A 87 -4.30 4.60 -3.84
CA GLU A 87 -3.38 5.67 -4.32
C GLU A 87 -2.31 5.01 -5.20
N TRP A 88 -1.87 3.85 -4.84
CA TRP A 88 -0.85 3.15 -5.67
C TRP A 88 -1.48 2.82 -7.01
N LYS A 89 -2.75 2.57 -7.02
CA LYS A 89 -3.45 2.23 -8.29
C LYS A 89 -3.61 3.48 -9.15
N ARG A 90 -3.89 4.63 -8.57
CA ARG A 90 -4.03 5.85 -9.41
C ARG A 90 -2.70 6.09 -10.14
N THR A 91 -1.61 5.96 -9.45
CA THR A 91 -0.29 6.16 -10.13
C THR A 91 0.08 4.86 -10.85
N GLY A 92 -0.14 3.75 -10.22
CA GLY A 92 0.19 2.44 -10.86
C GLY A 92 1.50 1.91 -10.26
N LYS A 61 -0.84 -10.66 -6.75
CA LYS A 61 -0.49 -9.40 -7.47
C LYS A 61 -0.43 -8.26 -6.46
N ILE A 62 0.74 -7.71 -6.23
CA ILE A 62 0.86 -6.57 -5.28
C ILE A 62 2.13 -5.78 -5.60
N THR A 63 2.02 -4.48 -5.65
CA THR A 63 3.22 -3.64 -5.95
C THR A 63 3.38 -2.57 -4.86
N PHE A 64 4.47 -2.63 -4.14
CA PHE A 64 4.70 -1.62 -3.06
C PHE A 64 5.67 -0.55 -3.57
N PRO A 65 5.38 0.71 -3.37
CA PRO A 65 6.29 1.81 -3.81
C PRO A 65 7.74 1.55 -3.40
N SER A 66 8.67 2.16 -4.08
CA SER A 66 10.12 1.97 -3.75
C SER A 66 10.40 2.43 -2.32
N ASP A 67 9.42 2.93 -1.62
CA ASP A 67 9.66 3.42 -0.22
C ASP A 67 8.70 2.75 0.76
N ILE A 68 8.04 1.69 0.38
CA ILE A 68 7.10 1.01 1.33
C ILE A 68 7.60 -0.38 1.68
N ASP A 69 7.72 -0.65 2.94
CA ASP A 69 8.18 -1.99 3.40
C ASP A 69 6.97 -2.93 3.57
N PRO A 70 6.87 -3.99 2.79
CA PRO A 70 5.72 -4.95 2.89
C PRO A 70 5.37 -5.33 4.33
N GLN A 71 6.35 -5.52 5.17
CA GLN A 71 6.05 -5.90 6.59
C GLN A 71 5.48 -4.71 7.35
N VAL A 72 5.90 -3.51 7.03
CA VAL A 72 5.36 -2.33 7.74
C VAL A 72 4.00 -1.94 7.13
N PHE A 73 3.77 -2.34 5.90
CA PHE A 73 2.49 -2.01 5.21
C PHE A 73 1.35 -2.87 5.78
N TYR A 74 1.49 -4.17 5.73
CA TYR A 74 0.41 -5.05 6.24
C TYR A 74 0.15 -4.74 7.72
N GLU A 75 1.06 -4.06 8.36
CA GLU A 75 0.87 -3.73 9.80
C GLU A 75 -0.05 -2.51 9.93
N LEU A 76 -0.42 -1.91 8.83
CA LEU A 76 -1.31 -0.72 8.90
C LEU A 76 -2.78 -1.17 8.85
N PRO A 77 -3.68 -0.41 9.44
CA PRO A 77 -5.12 -0.76 9.43
C PRO A 77 -5.64 -0.99 8.01
N GLU A 78 -6.73 -1.71 7.87
CA GLU A 78 -7.29 -1.96 6.52
C GLU A 78 -7.72 -0.65 5.88
N ALA A 79 -8.49 0.15 6.57
CA ALA A 79 -8.94 1.44 5.98
C ALA A 79 -7.73 2.21 5.47
N VAL A 80 -6.61 2.10 6.14
CA VAL A 80 -5.38 2.81 5.68
C VAL A 80 -4.77 2.02 4.53
N GLN A 81 -4.87 0.72 4.60
CA GLN A 81 -4.32 -0.14 3.51
C GLN A 81 -5.06 0.17 2.20
N LYS A 82 -6.36 0.20 2.26
CA LYS A 82 -7.17 0.48 1.03
C LYS A 82 -6.84 1.88 0.49
N GLU A 83 -6.86 2.87 1.34
CA GLU A 83 -6.56 4.25 0.85
C GLU A 83 -5.17 4.30 0.23
N LEU A 84 -4.21 3.63 0.82
CA LEU A 84 -2.84 3.64 0.24
C LEU A 84 -2.82 2.79 -1.03
N LEU A 85 -3.55 1.70 -1.05
CA LEU A 85 -3.57 0.85 -2.27
C LEU A 85 -4.30 1.60 -3.38
N ALA A 86 -5.34 2.33 -3.06
CA ALA A 86 -6.08 3.09 -4.10
C ALA A 86 -5.17 4.16 -4.70
N GLU A 87 -4.29 4.71 -3.89
CA GLU A 87 -3.35 5.75 -4.41
C GLU A 87 -2.31 5.06 -5.30
N TRP A 88 -1.93 3.86 -4.95
CA TRP A 88 -0.94 3.14 -5.78
C TRP A 88 -1.58 2.78 -7.12
N LYS A 89 -2.86 2.55 -7.12
CA LYS A 89 -3.56 2.19 -8.39
C LYS A 89 -3.70 3.42 -9.28
N ARG A 90 -3.97 4.57 -8.71
CA ARG A 90 -4.12 5.78 -9.56
C ARG A 90 -2.78 6.06 -10.26
N THR A 91 -1.69 5.99 -9.54
CA THR A 91 -0.37 6.24 -10.18
C THR A 91 0.17 4.91 -10.72
N GLY A 92 0.01 3.86 -9.97
CA GLY A 92 0.50 2.52 -10.43
C GLY A 92 1.85 2.22 -9.78
N LYS A 61 -1.27 -9.70 -8.51
CA LYS A 61 0.12 -9.18 -8.36
C LYS A 61 0.08 -7.86 -7.56
N ILE A 62 0.77 -7.80 -6.46
CA ILE A 62 0.78 -6.54 -5.66
C ILE A 62 2.07 -5.77 -5.91
N THR A 63 2.00 -4.47 -5.92
CA THR A 63 3.22 -3.66 -6.17
C THR A 63 3.36 -2.60 -5.07
N PHE A 64 4.41 -2.69 -4.28
CA PHE A 64 4.62 -1.70 -3.20
C PHE A 64 5.63 -0.64 -3.68
N PRO A 65 5.37 0.63 -3.45
CA PRO A 65 6.31 1.71 -3.85
C PRO A 65 7.77 1.41 -3.47
N SER A 66 8.70 2.02 -4.13
CA SER A 66 10.14 1.80 -3.81
C SER A 66 10.45 2.29 -2.39
N ASP A 67 9.48 2.84 -1.71
CA ASP A 67 9.75 3.35 -0.32
C ASP A 67 8.79 2.70 0.68
N ILE A 68 8.07 1.68 0.29
CA ILE A 68 7.12 1.03 1.24
C ILE A 68 7.57 -0.39 1.58
N ASP A 69 7.68 -0.69 2.85
CA ASP A 69 8.09 -2.05 3.27
C ASP A 69 6.82 -2.90 3.45
N PRO A 70 6.82 -4.13 2.99
CA PRO A 70 5.63 -5.02 3.11
C PRO A 70 5.26 -5.35 4.57
N GLN A 71 6.24 -5.49 5.42
CA GLN A 71 5.94 -5.81 6.84
C GLN A 71 5.45 -4.54 7.56
N VAL A 72 5.91 -3.40 7.15
CA VAL A 72 5.45 -2.15 7.82
C VAL A 72 4.12 -1.71 7.20
N PHE A 73 3.86 -2.14 5.99
CA PHE A 73 2.59 -1.76 5.31
C PHE A 73 1.44 -2.63 5.83
N TYR A 74 1.56 -3.92 5.72
CA TYR A 74 0.47 -4.81 6.20
C TYR A 74 0.23 -4.56 7.69
N GLU A 75 1.15 -3.93 8.35
CA GLU A 75 0.97 -3.65 9.81
C GLU A 75 0.02 -2.45 9.96
N LEU A 76 -0.38 -1.85 8.87
CA LEU A 76 -1.28 -0.67 8.95
C LEU A 76 -2.75 -1.14 8.91
N PRO A 77 -3.65 -0.38 9.50
CA PRO A 77 -5.10 -0.74 9.50
C PRO A 77 -5.63 -0.99 8.09
N GLU A 78 -6.71 -1.71 7.97
CA GLU A 78 -7.28 -2.01 6.62
C GLU A 78 -7.72 -0.70 5.94
N ALA A 79 -8.51 0.10 6.61
CA ALA A 79 -8.97 1.37 5.98
C ALA A 79 -7.75 2.13 5.43
N VAL A 80 -6.63 2.01 6.09
CA VAL A 80 -5.40 2.69 5.61
C VAL A 80 -4.82 1.88 4.45
N GLN A 81 -4.94 0.59 4.53
CA GLN A 81 -4.43 -0.30 3.44
C GLN A 81 -5.19 0.01 2.15
N LYS A 82 -6.49 0.02 2.23
CA LYS A 82 -7.31 0.29 1.01
C LYS A 82 -7.01 1.69 0.47
N GLU A 83 -7.04 2.68 1.31
CA GLU A 83 -6.77 4.07 0.83
C GLU A 83 -5.36 4.14 0.21
N LEU A 84 -4.41 3.49 0.80
CA LEU A 84 -3.04 3.55 0.22
C LEU A 84 -2.99 2.72 -1.07
N LEU A 85 -3.68 1.61 -1.10
CA LEU A 85 -3.67 0.79 -2.34
C LEU A 85 -4.35 1.60 -3.45
N ALA A 86 -5.34 2.39 -3.10
CA ALA A 86 -6.04 3.20 -4.13
C ALA A 86 -5.08 4.27 -4.67
N GLU A 87 -4.22 4.78 -3.84
CA GLU A 87 -3.24 5.82 -4.31
C GLU A 87 -2.19 5.14 -5.19
N TRP A 88 -1.76 3.96 -4.82
CA TRP A 88 -0.76 3.24 -5.65
C TRP A 88 -1.39 2.93 -7.00
N LYS A 89 -2.66 2.62 -7.00
CA LYS A 89 -3.36 2.29 -8.27
C LYS A 89 -3.56 3.56 -9.11
N ARG A 90 -3.77 4.69 -8.49
CA ARG A 90 -3.97 5.92 -9.31
C ARG A 90 -2.70 6.21 -10.09
N THR A 91 -1.56 6.11 -9.45
CA THR A 91 -0.28 6.36 -10.19
C THR A 91 0.21 5.03 -10.77
N GLY A 92 0.10 3.97 -10.02
CA GLY A 92 0.55 2.65 -10.52
C GLY A 92 1.99 2.39 -10.07
N LYS A 61 -0.98 -9.94 -7.88
CA LYS A 61 0.35 -9.27 -8.01
C LYS A 61 0.29 -7.91 -7.33
N ILE A 62 1.02 -7.74 -6.26
CA ILE A 62 1.00 -6.44 -5.54
C ILE A 62 2.27 -5.64 -5.85
N THR A 63 2.16 -4.34 -5.84
CA THR A 63 3.36 -3.49 -6.12
C THR A 63 3.50 -2.45 -5.00
N PHE A 64 4.54 -2.55 -4.21
CA PHE A 64 4.73 -1.58 -3.11
C PHE A 64 5.75 -0.52 -3.54
N PRO A 65 5.49 0.75 -3.29
CA PRO A 65 6.43 1.84 -3.66
C PRO A 65 7.89 1.52 -3.26
N SER A 66 8.82 2.14 -3.92
CA SER A 66 10.26 1.90 -3.60
C SER A 66 10.55 2.32 -2.16
N ASP A 67 9.57 2.83 -1.44
CA ASP A 67 9.83 3.26 -0.04
C ASP A 67 8.85 2.60 0.93
N ILE A 68 8.13 1.59 0.51
CA ILE A 68 7.17 0.92 1.45
C ILE A 68 7.61 -0.50 1.77
N ASP A 69 7.71 -0.82 3.03
CA ASP A 69 8.12 -2.18 3.44
C ASP A 69 6.86 -3.04 3.65
N PRO A 70 6.66 -4.08 2.86
CA PRO A 70 5.47 -4.97 2.99
C PRO A 70 5.16 -5.35 4.44
N GLN A 71 6.17 -5.54 5.24
CA GLN A 71 5.95 -5.92 6.67
C GLN A 71 5.46 -4.69 7.44
N VAL A 72 5.90 -3.52 7.07
CA VAL A 72 5.44 -2.30 7.79
C VAL A 72 4.10 -1.87 7.20
N PHE A 73 3.83 -2.27 5.98
CA PHE A 73 2.55 -1.89 5.32
C PHE A 73 1.41 -2.78 5.84
N TYR A 74 1.52 -4.07 5.70
CA TYR A 74 0.43 -4.96 6.17
C TYR A 74 0.19 -4.74 7.67
N GLU A 75 1.11 -4.11 8.34
CA GLU A 75 0.93 -3.83 9.80
C GLU A 75 0.03 -2.60 9.95
N LEU A 76 -0.35 -2.01 8.86
CA LEU A 76 -1.23 -0.80 8.93
C LEU A 76 -2.70 -1.22 8.88
N PRO A 77 -3.58 -0.44 9.48
CA PRO A 77 -5.04 -0.77 9.47
C PRO A 77 -5.56 -0.98 8.05
N GLU A 78 -6.66 -1.67 7.91
CA GLU A 78 -7.23 -1.92 6.56
C GLU A 78 -7.64 -0.60 5.92
N ALA A 79 -8.37 0.23 6.62
CA ALA A 79 -8.81 1.53 6.03
C ALA A 79 -7.59 2.27 5.48
N VAL A 80 -6.46 2.15 6.11
CA VAL A 80 -5.23 2.83 5.60
C VAL A 80 -4.67 2.01 4.44
N GLN A 81 -4.79 0.72 4.51
CA GLN A 81 -4.29 -0.15 3.42
C GLN A 81 -5.06 0.16 2.12
N LYS A 82 -6.36 0.20 2.21
CA LYS A 82 -7.19 0.49 1.01
C LYS A 82 -6.88 1.89 0.46
N GLU A 83 -6.91 2.89 1.29
CA GLU A 83 -6.62 4.27 0.80
C GLU A 83 -5.24 4.33 0.15
N LEU A 84 -4.27 3.65 0.70
CA LEU A 84 -2.92 3.70 0.08
C LEU A 84 -2.92 2.86 -1.19
N LEU A 85 -3.65 1.76 -1.21
CA LEU A 85 -3.70 0.95 -2.45
C LEU A 85 -4.46 1.72 -3.52
N ALA A 86 -5.48 2.44 -3.14
CA ALA A 86 -6.26 3.22 -4.14
C ALA A 86 -5.35 4.28 -4.76
N GLU A 87 -4.43 4.81 -4.00
CA GLU A 87 -3.49 5.82 -4.55
C GLU A 87 -2.45 5.11 -5.42
N TRP A 88 -2.02 3.94 -5.02
CA TRP A 88 -1.03 3.19 -5.83
C TRP A 88 -1.67 2.80 -7.16
N LYS A 89 -2.91 2.41 -7.12
CA LYS A 89 -3.62 2.00 -8.36
C LYS A 89 -3.94 3.24 -9.22
N ARG A 90 -4.25 4.34 -8.60
CA ARG A 90 -4.57 5.55 -9.40
C ARG A 90 -3.37 5.94 -10.26
N THR A 91 -2.18 5.89 -9.71
CA THR A 91 -0.97 6.24 -10.51
C THR A 91 -0.27 4.95 -10.95
N GLY A 92 -0.18 3.99 -10.07
CA GLY A 92 0.49 2.71 -10.44
C GLY A 92 1.89 2.67 -9.84
N LYS A 61 -0.95 -9.72 -8.25
CA LYS A 61 0.40 -9.06 -8.26
C LYS A 61 0.32 -7.75 -7.48
N ILE A 62 1.01 -7.65 -6.38
CA ILE A 62 0.96 -6.40 -5.58
C ILE A 62 2.21 -5.56 -5.87
N THR A 63 2.08 -4.27 -5.85
CA THR A 63 3.24 -3.39 -6.13
C THR A 63 3.40 -2.38 -4.99
N PHE A 64 4.45 -2.49 -4.23
CA PHE A 64 4.67 -1.54 -3.10
C PHE A 64 5.66 -0.45 -3.54
N PRO A 65 5.39 0.81 -3.25
CA PRO A 65 6.32 1.92 -3.61
C PRO A 65 7.78 1.61 -3.27
N SER A 66 8.69 2.22 -3.96
CA SER A 66 10.14 2.00 -3.69
C SER A 66 10.49 2.44 -2.27
N ASP A 67 9.53 2.96 -1.54
CA ASP A 67 9.83 3.42 -0.14
C ASP A 67 8.88 2.76 0.87
N ILE A 68 8.18 1.72 0.49
CA ILE A 68 7.24 1.07 1.45
C ILE A 68 7.66 -0.38 1.73
N ASP A 69 7.75 -0.71 2.99
CA ASP A 69 8.15 -2.10 3.37
C ASP A 69 6.87 -2.95 3.49
N PRO A 70 6.90 -4.18 3.02
CA PRO A 70 5.70 -5.08 3.07
C PRO A 70 5.31 -5.50 4.49
N GLN A 71 6.27 -5.72 5.35
CA GLN A 71 5.94 -6.13 6.75
C GLN A 71 5.44 -4.91 7.53
N VAL A 72 5.88 -3.73 7.17
CA VAL A 72 5.39 -2.52 7.88
C VAL A 72 4.06 -2.09 7.28
N PHE A 73 3.80 -2.46 6.06
CA PHE A 73 2.53 -2.08 5.38
C PHE A 73 1.38 -2.91 5.92
N TYR A 74 1.47 -4.21 5.83
CA TYR A 74 0.37 -5.07 6.34
C TYR A 74 0.13 -4.78 7.82
N GLU A 75 1.05 -4.11 8.46
CA GLU A 75 0.86 -3.78 9.90
C GLU A 75 -0.03 -2.54 10.02
N LEU A 76 -0.40 -1.96 8.92
CA LEU A 76 -1.26 -0.74 8.97
C LEU A 76 -2.74 -1.16 8.93
N PRO A 77 -3.61 -0.36 9.49
CA PRO A 77 -5.08 -0.67 9.49
C PRO A 77 -5.59 -0.91 8.06
N GLU A 78 -6.69 -1.60 7.93
CA GLU A 78 -7.25 -1.87 6.58
C GLU A 78 -7.65 -0.55 5.91
N ALA A 79 -8.36 0.29 6.60
CA ALA A 79 -8.79 1.58 5.99
C ALA A 79 -7.57 2.30 5.42
N VAL A 80 -6.44 2.15 6.06
CA VAL A 80 -5.20 2.81 5.54
C VAL A 80 -4.65 1.98 4.37
N GLN A 81 -4.78 0.69 4.47
CA GLN A 81 -4.29 -0.18 3.38
C GLN A 81 -5.06 0.13 2.09
N LYS A 82 -6.35 0.24 2.19
CA LYS A 82 -7.18 0.53 0.99
C LYS A 82 -6.84 1.91 0.43
N GLU A 83 -6.82 2.92 1.27
CA GLU A 83 -6.51 4.29 0.77
C GLU A 83 -5.12 4.31 0.11
N LEU A 84 -4.17 3.63 0.68
CA LEU A 84 -2.81 3.64 0.05
C LEU A 84 -2.83 2.80 -1.22
N LEU A 85 -3.55 1.71 -1.23
CA LEU A 85 -3.62 0.88 -2.47
C LEU A 85 -4.39 1.65 -3.53
N ALA A 86 -5.41 2.37 -3.14
CA ALA A 86 -6.20 3.16 -4.14
C ALA A 86 -5.29 4.22 -4.76
N GLU A 87 -4.36 4.73 -4.00
CA GLU A 87 -3.43 5.76 -4.54
C GLU A 87 -2.40 5.07 -5.46
N TRP A 88 -1.94 3.92 -5.07
CA TRP A 88 -0.96 3.19 -5.93
C TRP A 88 -1.67 2.76 -7.21
N LYS A 89 -2.94 2.48 -7.11
CA LYS A 89 -3.71 2.04 -8.31
C LYS A 89 -4.00 3.25 -9.20
N ARG A 90 -4.35 4.38 -8.63
CA ARG A 90 -4.62 5.56 -9.48
C ARG A 90 -3.39 5.82 -10.33
N THR A 91 -2.23 5.71 -9.75
CA THR A 91 -0.99 5.93 -10.54
C THR A 91 -0.64 4.62 -11.26
N GLY A 92 -0.80 3.52 -10.58
CA GLY A 92 -0.50 2.19 -11.21
C GLY A 92 0.93 1.77 -10.88
N LYS A 61 -1.23 -9.65 -8.26
CA LYS A 61 0.12 -9.06 -8.25
C LYS A 61 0.11 -7.74 -7.48
N ILE A 62 0.81 -7.66 -6.39
CA ILE A 62 0.82 -6.39 -5.60
C ILE A 62 2.11 -5.62 -5.87
N THR A 63 2.03 -4.32 -5.90
CA THR A 63 3.24 -3.49 -6.16
C THR A 63 3.40 -2.48 -5.03
N PHE A 64 4.48 -2.58 -4.29
CA PHE A 64 4.69 -1.63 -3.16
C PHE A 64 5.67 -0.54 -3.60
N PRO A 65 5.38 0.72 -3.34
CA PRO A 65 6.29 1.84 -3.71
C PRO A 65 7.75 1.54 -3.31
N SER A 66 8.68 2.16 -3.99
CA SER A 66 10.12 1.95 -3.67
C SER A 66 10.43 2.42 -2.25
N ASP A 67 9.46 2.95 -1.54
CA ASP A 67 9.72 3.43 -0.15
C ASP A 67 8.77 2.78 0.84
N ILE A 68 8.05 1.76 0.46
CA ILE A 68 7.10 1.10 1.40
C ILE A 68 7.54 -0.34 1.70
N ASP A 69 7.66 -0.67 2.94
CA ASP A 69 8.07 -2.05 3.34
C ASP A 69 6.80 -2.91 3.47
N PRO A 70 6.81 -4.13 2.97
CA PRO A 70 5.62 -5.03 3.05
C PRO A 70 5.25 -5.41 4.49
N GLN A 71 6.22 -5.60 5.33
CA GLN A 71 5.92 -5.96 6.75
C GLN A 71 5.43 -4.72 7.50
N VAL A 72 5.90 -3.56 7.13
CA VAL A 72 5.43 -2.33 7.83
C VAL A 72 4.09 -1.89 7.24
N PHE A 73 3.82 -2.31 6.03
CA PHE A 73 2.54 -1.92 5.37
C PHE A 73 1.39 -2.80 5.87
N TYR A 74 1.51 -4.09 5.74
CA TYR A 74 0.41 -4.98 6.20
C TYR A 74 0.15 -4.74 7.69
N GLU A 75 1.08 -4.13 8.37
CA GLU A 75 0.87 -3.85 9.83
C GLU A 75 -0.04 -2.64 9.98
N LEU A 76 -0.44 -2.03 8.89
CA LEU A 76 -1.33 -0.84 8.98
C LEU A 76 -2.80 -1.27 8.91
N PRO A 77 -3.69 -0.53 9.51
CA PRO A 77 -5.14 -0.85 9.49
C PRO A 77 -5.65 -1.01 8.05
N GLU A 78 -6.74 -1.69 7.87
CA GLU A 78 -7.29 -1.89 6.50
C GLU A 78 -7.66 -0.54 5.88
N ALA A 79 -8.33 0.31 6.61
CA ALA A 79 -8.72 1.63 6.03
C ALA A 79 -7.49 2.35 5.45
N VAL A 80 -6.37 2.21 6.09
CA VAL A 80 -5.13 2.88 5.57
C VAL A 80 -4.58 2.05 4.41
N GLN A 81 -4.71 0.75 4.51
CA GLN A 81 -4.21 -0.14 3.42
C GLN A 81 -4.98 0.15 2.14
N LYS A 82 -6.29 0.18 2.23
CA LYS A 82 -7.13 0.45 1.02
C LYS A 82 -6.83 1.85 0.46
N GLU A 83 -6.85 2.84 1.29
CA GLU A 83 -6.59 4.23 0.79
C GLU A 83 -5.21 4.30 0.14
N LEU A 84 -4.24 3.64 0.69
CA LEU A 84 -2.89 3.70 0.07
C LEU A 84 -2.87 2.83 -1.19
N LEU A 85 -3.58 1.73 -1.19
CA LEU A 85 -3.62 0.88 -2.40
C LEU A 85 -4.37 1.64 -3.49
N ALA A 86 -5.40 2.36 -3.13
CA ALA A 86 -6.17 3.14 -4.14
C ALA A 86 -5.25 4.20 -4.75
N GLU A 87 -4.33 4.71 -3.96
CA GLU A 87 -3.38 5.74 -4.49
C GLU A 87 -2.32 5.03 -5.35
N TRP A 88 -1.90 3.88 -4.95
CA TRP A 88 -0.89 3.12 -5.76
C TRP A 88 -1.52 2.77 -7.11
N LYS A 89 -2.74 2.34 -7.08
CA LYS A 89 -3.45 1.97 -8.34
C LYS A 89 -3.82 3.23 -9.15
N ARG A 90 -4.07 4.33 -8.49
CA ARG A 90 -4.44 5.56 -9.26
C ARG A 90 -3.26 5.96 -10.14
N THR A 91 -2.07 5.95 -9.62
CA THR A 91 -0.89 6.34 -10.45
C THR A 91 -0.10 5.09 -10.84
N GLY A 92 0.06 4.16 -9.93
CA GLY A 92 0.83 2.92 -10.24
C GLY A 92 2.15 2.93 -9.49
N LYS A 61 -1.17 -10.41 -6.90
CA LYS A 61 0.14 -9.75 -7.22
C LYS A 61 0.09 -8.30 -6.73
N ILE A 62 0.90 -7.98 -5.76
CA ILE A 62 0.90 -6.59 -5.21
C ILE A 62 2.19 -5.85 -5.59
N THR A 63 2.11 -4.56 -5.74
CA THR A 63 3.31 -3.75 -6.09
C THR A 63 3.47 -2.66 -5.02
N PHE A 64 4.53 -2.71 -4.26
CA PHE A 64 4.74 -1.69 -3.20
C PHE A 64 5.76 -0.65 -3.67
N PRO A 65 5.52 0.62 -3.44
CA PRO A 65 6.47 1.70 -3.83
C PRO A 65 7.92 1.39 -3.44
N SER A 66 8.85 2.05 -4.06
CA SER A 66 10.30 1.81 -3.74
C SER A 66 10.62 2.37 -2.34
N ASP A 67 9.67 2.98 -1.69
CA ASP A 67 9.94 3.54 -0.33
C ASP A 67 8.98 2.92 0.69
N ILE A 68 8.27 1.89 0.32
CA ILE A 68 7.33 1.26 1.29
C ILE A 68 7.73 -0.19 1.58
N ASP A 69 7.79 -0.52 2.83
CA ASP A 69 8.16 -1.91 3.24
C ASP A 69 6.87 -2.76 3.32
N PRO A 70 6.90 -3.97 2.81
CA PRO A 70 5.70 -4.87 2.82
C PRO A 70 5.29 -5.33 4.23
N GLN A 71 6.24 -5.56 5.09
CA GLN A 71 5.90 -6.01 6.47
C GLN A 71 5.39 -4.82 7.29
N VAL A 72 5.85 -3.63 6.99
CA VAL A 72 5.36 -2.44 7.76
C VAL A 72 4.04 -1.99 7.16
N PHE A 73 3.79 -2.33 5.93
CA PHE A 73 2.52 -1.94 5.26
C PHE A 73 1.37 -2.79 5.80
N TYR A 74 1.48 -4.08 5.71
CA TYR A 74 0.38 -4.96 6.20
C TYR A 74 0.12 -4.67 7.68
N GLU A 75 1.02 -3.99 8.33
CA GLU A 75 0.82 -3.68 9.78
C GLU A 75 -0.12 -2.48 9.93
N LEU A 76 -0.53 -1.89 8.84
CA LEU A 76 -1.44 -0.72 8.93
C LEU A 76 -2.90 -1.18 8.84
N PRO A 77 -3.83 -0.44 9.43
CA PRO A 77 -5.27 -0.81 9.38
C PRO A 77 -5.77 -1.04 7.95
N GLU A 78 -6.85 -1.77 7.79
CA GLU A 78 -7.40 -2.02 6.43
C GLU A 78 -7.83 -0.70 5.79
N ALA A 79 -8.56 0.12 6.50
CA ALA A 79 -9.02 1.41 5.91
C ALA A 79 -7.80 2.19 5.39
N VAL A 80 -6.70 2.11 6.07
CA VAL A 80 -5.48 2.83 5.60
C VAL A 80 -4.85 2.03 4.46
N GLN A 81 -4.91 0.73 4.56
CA GLN A 81 -4.34 -0.13 3.48
C GLN A 81 -5.09 0.17 2.18
N LYS A 82 -6.38 0.25 2.24
CA LYS A 82 -7.20 0.53 1.03
C LYS A 82 -6.87 1.92 0.48
N GLU A 83 -6.88 2.92 1.32
CA GLU A 83 -6.59 4.31 0.84
C GLU A 83 -5.20 4.35 0.21
N LEU A 84 -4.24 3.69 0.80
CA LEU A 84 -2.86 3.72 0.23
C LEU A 84 -2.83 2.86 -1.03
N LEU A 85 -3.52 1.75 -1.04
CA LEU A 85 -3.53 0.89 -2.26
C LEU A 85 -4.27 1.65 -3.36
N ALA A 86 -5.30 2.37 -3.01
CA ALA A 86 -6.07 3.14 -4.04
C ALA A 86 -5.15 4.21 -4.62
N GLU A 87 -4.26 4.73 -3.81
CA GLU A 87 -3.32 5.76 -4.32
C GLU A 87 -2.26 5.08 -5.20
N TRP A 88 -1.82 3.91 -4.80
CA TRP A 88 -0.82 3.19 -5.62
C TRP A 88 -1.49 2.80 -6.95
N LYS A 89 -2.76 2.50 -6.90
CA LYS A 89 -3.50 2.10 -8.13
C LYS A 89 -3.84 3.33 -8.97
N ARG A 90 -4.18 4.43 -8.36
CA ARG A 90 -4.53 5.63 -9.16
C ARG A 90 -3.34 6.02 -10.02
N THR A 91 -2.15 5.98 -9.48
CA THR A 91 -0.95 6.34 -10.28
C THR A 91 -0.26 5.07 -10.76
N GLY A 92 -0.16 4.09 -9.91
CA GLY A 92 0.51 2.81 -10.32
C GLY A 92 1.89 2.72 -9.65
N LYS A 61 -0.71 -10.51 -7.25
CA LYS A 61 0.47 -9.65 -7.56
C LYS A 61 0.26 -8.23 -7.02
N ILE A 62 1.01 -7.87 -6.01
CA ILE A 62 0.89 -6.52 -5.41
C ILE A 62 2.16 -5.72 -5.71
N THR A 63 2.07 -4.42 -5.75
CA THR A 63 3.27 -3.58 -6.03
C THR A 63 3.44 -2.54 -4.94
N PHE A 64 4.50 -2.62 -4.18
CA PHE A 64 4.73 -1.63 -3.08
C PHE A 64 5.76 -0.59 -3.56
N PRO A 65 5.53 0.68 -3.29
CA PRO A 65 6.48 1.76 -3.69
C PRO A 65 7.94 1.41 -3.31
N SER A 66 8.88 2.01 -3.97
CA SER A 66 10.32 1.75 -3.65
C SER A 66 10.64 2.21 -2.23
N ASP A 67 9.67 2.77 -1.54
CA ASP A 67 9.94 3.26 -0.15
C ASP A 67 8.97 2.61 0.86
N ILE A 68 8.29 1.57 0.48
CA ILE A 68 7.33 0.92 1.43
C ILE A 68 7.80 -0.49 1.80
N ASP A 69 7.89 -0.77 3.07
CA ASP A 69 8.31 -2.11 3.53
C ASP A 69 7.06 -3.01 3.70
N PRO A 70 6.94 -4.07 2.93
CA PRO A 70 5.76 -4.97 3.02
C PRO A 70 5.38 -5.34 4.46
N GLN A 71 6.34 -5.50 5.32
CA GLN A 71 6.03 -5.87 6.73
C GLN A 71 5.48 -4.65 7.47
N VAL A 72 5.90 -3.47 7.10
CA VAL A 72 5.38 -2.25 7.79
C VAL A 72 4.05 -1.84 7.16
N PHE A 73 3.81 -2.24 5.94
CA PHE A 73 2.54 -1.89 5.26
C PHE A 73 1.40 -2.78 5.76
N TYR A 74 1.55 -4.08 5.63
CA TYR A 74 0.46 -4.99 6.10
C TYR A 74 0.21 -4.73 7.59
N GLU A 75 1.11 -4.07 8.26
CA GLU A 75 0.90 -3.79 9.71
C GLU A 75 0.01 -2.57 9.87
N LEU A 76 -0.37 -1.95 8.79
CA LEU A 76 -1.25 -0.74 8.89
C LEU A 76 -2.72 -1.18 8.83
N PRO A 77 -3.61 -0.42 9.42
CA PRO A 77 -5.07 -0.74 9.41
C PRO A 77 -5.59 -0.97 7.99
N GLU A 78 -6.67 -1.68 7.85
CA GLU A 78 -7.24 -1.94 6.50
C GLU A 78 -7.67 -0.62 5.85
N ALA A 79 -8.45 0.17 6.53
CA ALA A 79 -8.91 1.46 5.93
C ALA A 79 -7.69 2.21 5.39
N VAL A 80 -6.57 2.10 6.03
CA VAL A 80 -5.34 2.80 5.54
C VAL A 80 -4.75 1.99 4.39
N GLN A 81 -4.84 0.69 4.48
CA GLN A 81 -4.31 -0.18 3.39
C GLN A 81 -5.09 0.10 2.10
N LYS A 82 -6.38 0.15 2.18
CA LYS A 82 -7.22 0.41 0.97
C LYS A 82 -6.96 1.81 0.44
N GLU A 83 -6.99 2.81 1.28
CA GLU A 83 -6.77 4.20 0.81
C GLU A 83 -5.38 4.31 0.17
N LEU A 84 -4.38 3.72 0.78
CA LEU A 84 -3.02 3.79 0.19
C LEU A 84 -2.98 2.93 -1.07
N LEU A 85 -3.69 1.84 -1.08
CA LEU A 85 -3.72 0.97 -2.29
C LEU A 85 -4.47 1.71 -3.40
N ALA A 86 -5.52 2.42 -3.06
CA ALA A 86 -6.29 3.15 -4.10
C ALA A 86 -5.40 4.24 -4.71
N GLU A 87 -4.50 4.78 -3.92
CA GLU A 87 -3.59 5.82 -4.47
C GLU A 87 -2.53 5.14 -5.34
N TRP A 88 -2.12 3.97 -4.97
CA TRP A 88 -1.11 3.23 -5.77
C TRP A 88 -1.75 2.85 -7.12
N LYS A 89 -3.03 2.60 -7.11
CA LYS A 89 -3.73 2.22 -8.38
C LYS A 89 -3.93 3.45 -9.25
N ARG A 90 -4.20 4.59 -8.66
CA ARG A 90 -4.39 5.81 -9.49
C ARG A 90 -3.10 6.10 -10.25
N THR A 91 -1.98 6.00 -9.58
CA THR A 91 -0.68 6.25 -10.28
C THR A 91 -0.15 4.92 -10.81
N GLY A 92 -0.26 3.87 -10.04
CA GLY A 92 0.22 2.54 -10.49
C GLY A 92 1.51 2.19 -9.75
N LYS A 61 -1.74 -9.81 -7.47
CA LYS A 61 -1.05 -8.64 -8.06
C LYS A 61 -0.82 -7.58 -6.97
N ILE A 62 0.41 -7.25 -6.68
CA ILE A 62 0.65 -6.22 -5.63
C ILE A 62 1.99 -5.51 -5.89
N THR A 63 1.97 -4.20 -5.91
CA THR A 63 3.23 -3.44 -6.15
C THR A 63 3.43 -2.43 -5.02
N PHE A 64 4.50 -2.55 -4.29
CA PHE A 64 4.76 -1.60 -3.17
C PHE A 64 5.72 -0.49 -3.64
N PRO A 65 5.42 0.75 -3.38
CA PRO A 65 6.33 1.88 -3.76
C PRO A 65 7.78 1.60 -3.37
N SER A 66 8.71 2.21 -4.06
CA SER A 66 10.15 2.00 -3.73
C SER A 66 10.46 2.47 -2.31
N ASP A 67 9.48 2.98 -1.60
CA ASP A 67 9.74 3.47 -0.21
C ASP A 67 8.78 2.81 0.79
N ILE A 68 8.09 1.77 0.41
CA ILE A 68 7.14 1.11 1.36
C ILE A 68 7.60 -0.32 1.68
N ASP A 69 7.71 -0.61 2.95
CA ASP A 69 8.13 -1.97 3.38
C ASP A 69 6.88 -2.86 3.49
N PRO A 70 6.94 -4.09 3.04
CA PRO A 70 5.76 -5.03 3.09
C PRO A 70 5.35 -5.41 4.52
N GLN A 71 6.29 -5.60 5.40
CA GLN A 71 5.91 -5.97 6.80
C GLN A 71 5.39 -4.74 7.54
N VAL A 72 5.84 -3.57 7.17
CA VAL A 72 5.34 -2.34 7.86
C VAL A 72 4.00 -1.93 7.25
N PHE A 73 3.74 -2.35 6.04
CA PHE A 73 2.47 -1.98 5.36
C PHE A 73 1.32 -2.86 5.85
N TYR A 74 1.45 -4.15 5.72
CA TYR A 74 0.34 -5.05 6.17
C TYR A 74 0.07 -4.82 7.66
N GLU A 75 1.01 -4.22 8.36
CA GLU A 75 0.79 -3.96 9.81
C GLU A 75 -0.08 -2.70 9.98
N LEU A 76 -0.43 -2.07 8.89
CA LEU A 76 -1.27 -0.83 9.00
C LEU A 76 -2.76 -1.21 8.95
N PRO A 77 -3.62 -0.42 9.54
CA PRO A 77 -5.09 -0.68 9.53
C PRO A 77 -5.62 -0.90 8.11
N GLU A 78 -6.74 -1.56 7.98
CA GLU A 78 -7.32 -1.80 6.63
C GLU A 78 -7.66 -0.47 5.96
N ALA A 79 -8.38 0.39 6.64
CA ALA A 79 -8.76 1.69 6.02
C ALA A 79 -7.50 2.37 5.45
N VAL A 80 -6.38 2.21 6.10
CA VAL A 80 -5.13 2.84 5.59
C VAL A 80 -4.60 1.99 4.43
N GLN A 81 -4.75 0.71 4.52
CA GLN A 81 -4.27 -0.20 3.43
C GLN A 81 -5.05 0.09 2.15
N LYS A 82 -6.35 0.11 2.23
CA LYS A 82 -7.18 0.37 1.01
C LYS A 82 -6.88 1.76 0.45
N GLU A 83 -6.93 2.77 1.27
CA GLU A 83 -6.67 4.15 0.76
C GLU A 83 -5.28 4.24 0.13
N LEU A 84 -4.30 3.61 0.72
CA LEU A 84 -2.93 3.68 0.13
C LEU A 84 -2.89 2.79 -1.12
N LEU A 85 -3.58 1.69 -1.11
CA LEU A 85 -3.58 0.81 -2.33
C LEU A 85 -4.30 1.55 -3.45
N ALA A 86 -5.34 2.28 -3.13
CA ALA A 86 -6.08 3.04 -4.18
C ALA A 86 -5.15 4.10 -4.76
N GLU A 87 -4.27 4.63 -3.95
CA GLU A 87 -3.31 5.66 -4.46
C GLU A 87 -2.27 4.98 -5.33
N TRP A 88 -1.81 3.81 -4.93
CA TRP A 88 -0.81 3.09 -5.76
C TRP A 88 -1.46 2.71 -7.09
N LYS A 89 -2.71 2.37 -7.06
CA LYS A 89 -3.43 1.98 -8.31
C LYS A 89 -3.73 3.20 -9.16
N ARG A 90 -4.07 4.31 -8.56
CA ARG A 90 -4.38 5.51 -9.37
C ARG A 90 -3.16 5.90 -10.22
N THR A 91 -1.99 5.85 -9.65
CA THR A 91 -0.77 6.21 -10.45
C THR A 91 -0.02 4.93 -10.83
N GLY A 92 0.05 3.98 -9.93
CA GLY A 92 0.78 2.72 -10.24
C GLY A 92 2.06 2.65 -9.39
N LYS A 61 -1.08 -10.32 -7.41
CA LYS A 61 -0.68 -9.00 -8.00
C LYS A 61 -0.58 -7.94 -6.90
N ILE A 62 0.60 -7.47 -6.64
CA ILE A 62 0.78 -6.40 -5.60
C ILE A 62 2.08 -5.64 -5.88
N THR A 63 2.01 -4.34 -5.91
CA THR A 63 3.24 -3.53 -6.16
C THR A 63 3.41 -2.51 -5.02
N PHE A 64 4.46 -2.62 -4.28
CA PHE A 64 4.69 -1.66 -3.16
C PHE A 64 5.66 -0.56 -3.63
N PRO A 65 5.36 0.69 -3.39
CA PRO A 65 6.26 1.81 -3.78
C PRO A 65 7.73 1.53 -3.40
N SER A 66 8.64 2.16 -4.08
CA SER A 66 10.09 1.95 -3.77
C SER A 66 10.40 2.41 -2.34
N ASP A 67 9.42 2.93 -1.63
CA ASP A 67 9.70 3.42 -0.24
C ASP A 67 8.75 2.76 0.77
N ILE A 68 8.05 1.72 0.38
CA ILE A 68 7.12 1.06 1.35
C ILE A 68 7.57 -0.37 1.67
N ASP A 69 7.68 -0.67 2.93
CA ASP A 69 8.10 -2.03 3.35
C ASP A 69 6.84 -2.91 3.51
N PRO A 70 6.88 -4.15 3.08
CA PRO A 70 5.71 -5.07 3.17
C PRO A 70 5.33 -5.43 4.61
N GLN A 71 6.29 -5.59 5.48
CA GLN A 71 5.97 -5.94 6.89
C GLN A 71 5.45 -4.69 7.61
N VAL A 72 5.90 -3.52 7.23
CA VAL A 72 5.40 -2.30 7.91
C VAL A 72 4.08 -1.86 7.26
N PHE A 73 3.84 -2.29 6.05
CA PHE A 73 2.58 -1.89 5.35
C PHE A 73 1.42 -2.75 5.86
N TYR A 74 1.52 -4.04 5.76
CA TYR A 74 0.41 -4.92 6.25
C TYR A 74 0.17 -4.67 7.73
N GLU A 75 1.11 -4.05 8.41
CA GLU A 75 0.92 -3.77 9.86
C GLU A 75 -0.02 -2.57 10.03
N LEU A 76 -0.42 -1.97 8.95
CA LEU A 76 -1.34 -0.79 9.05
C LEU A 76 -2.80 -1.25 9.00
N PRO A 77 -3.71 -0.50 9.59
CA PRO A 77 -5.16 -0.85 9.56
C PRO A 77 -5.66 -1.06 8.13
N GLU A 78 -6.74 -1.76 7.97
CA GLU A 78 -7.29 -2.00 6.60
C GLU A 78 -7.69 -0.68 5.94
N ALA A 79 -8.42 0.16 6.63
CA ALA A 79 -8.83 1.45 6.01
C ALA A 79 -7.61 2.18 5.46
N VAL A 80 -6.48 2.04 6.10
CA VAL A 80 -5.25 2.71 5.60
C VAL A 80 -4.70 1.91 4.42
N GLN A 81 -4.82 0.61 4.48
CA GLN A 81 -4.33 -0.25 3.39
C GLN A 81 -5.08 0.10 2.09
N LYS A 82 -6.38 0.21 2.18
CA LYS A 82 -7.19 0.54 0.97
C LYS A 82 -6.84 1.93 0.44
N GLU A 83 -6.82 2.92 1.29
CA GLU A 83 -6.50 4.29 0.81
C GLU A 83 -5.10 4.32 0.18
N LEU A 84 -4.16 3.62 0.76
CA LEU A 84 -2.80 3.62 0.17
C LEU A 84 -2.80 2.80 -1.12
N LEU A 85 -3.54 1.72 -1.15
CA LEU A 85 -3.60 0.91 -2.40
C LEU A 85 -4.34 1.71 -3.48
N ALA A 86 -5.35 2.45 -3.09
CA ALA A 86 -6.11 3.26 -4.09
C ALA A 86 -5.15 4.28 -4.71
N GLU A 87 -4.22 4.78 -3.95
CA GLU A 87 -3.26 5.77 -4.50
C GLU A 87 -2.24 5.04 -5.38
N TRP A 88 -1.89 3.83 -5.03
CA TRP A 88 -0.92 3.06 -5.86
C TRP A 88 -1.58 2.72 -7.19
N LYS A 89 -2.86 2.44 -7.17
CA LYS A 89 -3.58 2.09 -8.42
C LYS A 89 -3.81 3.33 -9.28
N ARG A 90 -4.07 4.47 -8.67
CA ARG A 90 -4.30 5.70 -9.48
C ARG A 90 -3.02 6.01 -10.26
N THR A 91 -1.89 5.96 -9.63
CA THR A 91 -0.61 6.24 -10.34
C THR A 91 -0.03 4.91 -10.86
N GLY A 92 -0.09 3.89 -10.06
CA GLY A 92 0.46 2.57 -10.51
C GLY A 92 1.75 2.26 -9.74
#